data_4OSK
#
_entry.id   4OSK
#
_cell.length_a   84.633
_cell.length_b   88.129
_cell.length_c   90.476
_cell.angle_alpha   90.00
_cell.angle_beta   104.96
_cell.angle_gamma   90.00
#
_symmetry.space_group_name_H-M   'P 1 21 1'
#
loop_
_entity.id
_entity.type
_entity.pdbx_description
1 polymer Hax3
2 polymer "DNA (5'-D(*TP*GP*TP*CP*CP*AP*AP*CP*TP*AP*CP*TP*AP*GP*AP*CP*T)-3')"
3 polymer "DNA (5'-D(*AP*GP*TP*CP*TP*AP*GP*TP*AP*GP*TP*TP*GP*GP*AP*CP*A)-3')"
4 water water
#
loop_
_entity_poly.entity_id
_entity_poly.type
_entity_poly.pdbx_seq_one_letter_code
_entity_poly.pdbx_strand_id
1 'polypeptide(L)'
;MQWSGARALEALLTVAGELRGPPLQLDTGQLLKIAKRGGVTAVEAVHAWRNALTGAPLNLTPEQVVAIASHDGGKQALET
VQRLLPVLCQAHGLTPQQVVAIASHDGGKQALETVQRLLPVLCQAHGLTPEQVVAIASNSGGKQALETVQALLPVLCQAH
GLTPEQVVAIASNSGGKQALETVQRLLPVLCQAHGLTPQQVVAIASHDGGKQALETVQRLLPVLCQAHGLTPQQVVAIAS
NGGGKQALETVQRLLPVLCQAHGLTPQQVVAIASNSGGKQALETVQRLLPVLCQAHGLTPQQVVAIASHDGGKQALETVQ
RLLPVLCQAHGLTPQQVVAIASNGGGKQALETVQRLLPVLCQAHGLTPEQVVAIASNSGGKQALETVQRLLPVLCQAHGL
TPEQVVAIASNNGGKQALETVQRLLPVLCQAHGLTPQQVVAIASNSGGRPALESIVAQLSRPDPALAALTNDHLVALACL
GGRPALDAVKKLEHHHHHH
;
A,B
2 'polydeoxyribonucleotide' (DT)(DG)(DT)(DC)(DC)(DA)(DA)(DC)(DT)(DA)(DC)(DT)(DA)(DG)(DA)(DC)(DT) I,G
3 'polydeoxyribonucleotide' (DA)(DG)(DT)(DC)(DT)(DA)(DG)(DT)(DA)(DG)(DT)(DT)(DG)(DG)(DA)(DC)(DA) J,H
#
loop_
_chem_comp.id
_chem_comp.type
_chem_comp.name
_chem_comp.formula
DA DNA linking 2'-DEOXYADENOSINE-5'-MONOPHOSPHATE 'C10 H14 N5 O6 P'
DC DNA linking 2'-DEOXYCYTIDINE-5'-MONOPHOSPHATE 'C9 H14 N3 O7 P'
DG DNA linking 2'-DEOXYGUANOSINE-5'-MONOPHOSPHATE 'C10 H14 N5 O7 P'
DT DNA linking THYMIDINE-5'-MONOPHOSPHATE 'C10 H15 N2 O8 P'
#
# COMPACT_ATOMS: atom_id res chain seq x y z
N SER A 4 17.65 -56.16 -3.94
CA SER A 4 18.72 -56.89 -3.28
C SER A 4 18.25 -58.28 -2.86
N GLY A 5 18.86 -58.81 -1.80
CA GLY A 5 18.52 -60.13 -1.31
C GLY A 5 17.84 -60.11 0.04
N ALA A 6 17.41 -61.29 0.50
CA ALA A 6 16.72 -61.42 1.78
C ALA A 6 17.57 -60.90 2.93
N ARG A 7 18.86 -61.22 2.91
CA ARG A 7 19.77 -60.77 3.97
C ARG A 7 19.84 -59.26 4.04
N ALA A 8 19.95 -58.62 2.88
CA ALA A 8 20.01 -57.15 2.80
C ALA A 8 18.71 -56.50 3.30
N LEU A 9 17.58 -57.08 2.92
CA LEU A 9 16.29 -56.62 3.43
C LEU A 9 16.32 -56.56 4.96
N GLU A 10 16.62 -57.71 5.58
CA GLU A 10 16.63 -57.85 7.02
C GLU A 10 17.46 -56.76 7.71
N ALA A 11 18.62 -56.41 7.13
CA ALA A 11 19.45 -55.34 7.69
C ALA A 11 18.70 -54.01 7.68
N LEU A 12 18.10 -53.69 6.52
CA LEU A 12 17.24 -52.52 6.37
C LEU A 12 16.17 -52.48 7.47
N LEU A 13 15.43 -53.58 7.60
CA LEU A 13 14.33 -53.63 8.56
C LEU A 13 14.86 -53.49 9.96
N THR A 14 16.15 -53.76 10.12
CA THR A 14 16.78 -53.71 11.42
C THR A 14 17.33 -52.31 11.72
N VAL A 15 17.90 -51.65 10.71
CA VAL A 15 18.29 -50.24 10.91
C VAL A 15 17.03 -49.40 11.10
N ALA A 16 15.96 -49.78 10.42
CA ALA A 16 14.66 -49.15 10.64
C ALA A 16 14.20 -49.32 12.09
N GLY A 17 14.33 -50.52 12.64
CA GLY A 17 13.87 -50.79 14.00
C GLY A 17 14.66 -50.01 15.04
N GLU A 18 15.94 -49.80 14.77
CA GLU A 18 16.81 -49.08 15.70
C GLU A 18 16.40 -47.60 15.83
N LEU A 19 15.62 -47.14 14.85
CA LEU A 19 15.18 -45.76 14.76
C LEU A 19 13.94 -45.52 15.64
N ARG A 20 13.20 -46.60 15.93
CA ARG A 20 12.08 -46.52 16.84
C ARG A 20 12.54 -46.19 18.27
N GLY A 21 13.84 -46.31 18.53
CA GLY A 21 14.39 -45.93 19.82
C GLY A 21 15.27 -44.70 19.78
N PRO A 22 16.07 -44.50 20.85
CA PRO A 22 16.94 -43.34 21.04
C PRO A 22 17.86 -43.10 19.85
N PRO A 23 18.12 -41.81 19.53
CA PRO A 23 17.49 -40.69 20.24
C PRO A 23 16.30 -40.05 19.52
N LEU A 24 15.81 -40.66 18.43
CA LEU A 24 14.74 -40.06 17.64
C LEU A 24 13.37 -40.59 18.03
N GLN A 25 13.35 -41.84 18.49
CA GLN A 25 12.10 -42.50 18.84
C GLN A 25 11.07 -42.35 17.74
N LEU A 26 11.44 -42.69 16.51
CA LEU A 26 10.50 -42.56 15.39
C LEU A 26 9.37 -43.55 15.52
N ASP A 27 8.17 -43.12 15.16
CA ASP A 27 7.06 -44.05 15.05
C ASP A 27 6.87 -44.48 13.57
N THR A 28 5.90 -45.34 13.34
CA THR A 28 5.71 -45.99 12.05
C THR A 28 5.36 -45.01 10.95
N GLY A 29 4.47 -44.06 11.27
CA GLY A 29 4.13 -43.00 10.34
C GLY A 29 5.37 -42.24 9.84
N GLN A 30 6.33 -42.01 10.74
CA GLN A 30 7.51 -41.24 10.37
C GLN A 30 8.45 -42.03 9.46
N LEU A 31 8.67 -43.30 9.81
CA LEU A 31 9.50 -44.18 8.99
C LEU A 31 8.88 -44.41 7.60
N LEU A 32 7.55 -44.45 7.54
CA LEU A 32 6.84 -44.59 6.29
C LEU A 32 7.05 -43.35 5.42
N LYS A 33 7.14 -42.20 6.07
CA LYS A 33 7.38 -40.93 5.41
C LYS A 33 8.77 -40.93 4.80
N ILE A 34 9.78 -41.24 5.61
CA ILE A 34 11.15 -41.29 5.08
C ILE A 34 11.32 -42.33 3.97
N ALA A 35 10.71 -43.49 4.10
CA ALA A 35 10.90 -44.53 3.08
C ALA A 35 10.21 -44.10 1.80
N LYS A 36 8.95 -43.72 1.92
CA LYS A 36 8.16 -43.32 0.76
C LYS A 36 8.72 -42.09 0.05
N ARG A 37 9.19 -41.11 0.80
CA ARG A 37 9.65 -39.84 0.20
C ARG A 37 11.18 -39.68 0.01
N GLY A 38 11.98 -40.25 0.91
CA GLY A 38 13.43 -40.12 0.82
C GLY A 38 14.17 -41.36 0.30
N GLY A 39 13.46 -42.48 0.26
CA GLY A 39 14.04 -43.73 -0.20
C GLY A 39 14.84 -44.47 0.85
N VAL A 40 15.43 -45.59 0.43
CA VAL A 40 16.14 -46.50 1.31
C VAL A 40 17.37 -45.84 1.88
N THR A 41 18.12 -45.17 1.00
CA THR A 41 19.34 -44.46 1.36
C THR A 41 19.07 -43.41 2.43
N ALA A 42 17.93 -42.74 2.32
CA ALA A 42 17.57 -41.70 3.26
C ALA A 42 17.38 -42.29 4.66
N VAL A 43 16.64 -43.40 4.74
CA VAL A 43 16.51 -44.17 5.98
C VAL A 43 17.86 -44.59 6.62
N GLU A 44 18.78 -45.13 5.83
CA GLU A 44 20.07 -45.57 6.37
C GLU A 44 20.90 -44.38 6.83
N ALA A 45 20.76 -43.28 6.11
CA ALA A 45 21.46 -42.05 6.41
C ALA A 45 21.08 -41.53 7.81
N VAL A 46 19.78 -41.40 8.02
CA VAL A 46 19.23 -40.96 9.29
C VAL A 46 19.82 -41.81 10.40
N HIS A 47 19.63 -43.13 10.28
CA HIS A 47 20.16 -44.06 11.27
C HIS A 47 21.63 -43.80 11.53
N ALA A 48 22.43 -43.68 10.47
CA ALA A 48 23.86 -43.48 10.62
C ALA A 48 24.23 -42.19 11.37
N TRP A 49 23.52 -41.10 11.08
CA TRP A 49 23.90 -39.80 11.63
C TRP A 49 23.02 -39.39 12.79
N ARG A 50 22.14 -40.27 13.24
CA ARG A 50 21.15 -39.87 14.24
C ARG A 50 21.73 -39.17 15.47
N ASN A 51 22.87 -39.64 15.98
CA ASN A 51 23.44 -39.00 17.17
C ASN A 51 24.10 -37.65 16.86
N ALA A 52 24.67 -37.56 15.65
CA ALA A 52 25.26 -36.31 15.15
C ALA A 52 24.22 -35.21 14.96
N LEU A 53 22.99 -35.59 14.62
CA LEU A 53 21.94 -34.65 14.27
C LEU A 53 21.14 -34.16 15.49
N THR A 54 21.03 -35.00 16.51
CA THR A 54 20.23 -34.67 17.69
C THR A 54 21.07 -34.00 18.77
N GLY A 55 22.34 -33.74 18.46
CA GLY A 55 23.24 -33.17 19.43
C GLY A 55 23.80 -31.86 18.93
N ALA A 56 24.58 -31.18 19.76
CA ALA A 56 25.19 -29.92 19.33
C ALA A 56 26.25 -30.17 18.23
N PRO A 57 26.45 -29.19 17.34
CA PRO A 57 25.75 -27.90 17.35
C PRO A 57 24.45 -27.86 16.53
N LEU A 58 23.93 -29.02 16.14
CA LEU A 58 22.70 -29.07 15.36
C LEU A 58 21.46 -28.96 16.25
N ASN A 59 21.37 -29.87 17.21
CA ASN A 59 20.23 -29.88 18.13
C ASN A 59 18.89 -29.97 17.41
N LEU A 60 18.85 -30.71 16.30
CA LEU A 60 17.60 -30.88 15.55
C LEU A 60 16.63 -31.75 16.33
N THR A 61 15.34 -31.56 16.08
CA THR A 61 14.33 -32.41 16.67
C THR A 61 14.09 -33.65 15.80
N PRO A 62 13.53 -34.70 16.39
CA PRO A 62 13.19 -35.90 15.62
C PRO A 62 12.27 -35.55 14.46
N GLU A 63 11.50 -34.48 14.61
CA GLU A 63 10.58 -34.03 13.58
C GLU A 63 11.31 -33.25 12.49
N GLN A 64 12.33 -32.51 12.88
CA GLN A 64 13.13 -31.74 11.93
C GLN A 64 13.96 -32.67 11.07
N VAL A 65 14.53 -33.70 11.70
CA VAL A 65 15.35 -34.68 11.01
C VAL A 65 14.47 -35.40 9.99
N VAL A 66 13.22 -35.65 10.34
CA VAL A 66 12.31 -36.33 9.41
C VAL A 66 11.99 -35.45 8.20
N ALA A 67 11.69 -34.19 8.45
CA ALA A 67 11.34 -33.28 7.37
C ALA A 67 12.49 -33.18 6.37
N ILE A 68 13.71 -33.25 6.86
CA ILE A 68 14.85 -33.17 5.96
C ILE A 68 15.03 -34.46 5.16
N ALA A 69 14.83 -35.59 5.82
CA ALA A 69 15.15 -36.89 5.21
C ALA A 69 14.14 -37.27 4.15
N SER A 70 12.90 -36.80 4.32
CA SER A 70 11.76 -37.21 3.49
C SER A 70 11.63 -36.51 2.14
N HIS A 71 12.70 -36.55 1.34
CA HIS A 71 12.69 -35.96 0.01
C HIS A 71 13.75 -36.66 -0.84
N ASP A 72 13.62 -36.57 -2.16
CA ASP A 72 14.71 -37.04 -3.01
C ASP A 72 16.02 -36.39 -2.57
N GLY A 73 17.09 -37.18 -2.48
CA GLY A 73 18.39 -36.67 -2.10
C GLY A 73 18.52 -36.42 -0.60
N GLY A 74 17.46 -36.79 0.14
CA GLY A 74 17.44 -36.55 1.59
C GLY A 74 18.80 -36.73 2.27
N LYS A 75 19.43 -37.86 1.98
CA LYS A 75 20.76 -38.13 2.52
C LYS A 75 21.75 -36.98 2.30
N GLN A 76 21.73 -36.37 1.12
CA GLN A 76 22.63 -35.25 0.82
C GLN A 76 22.24 -34.00 1.61
N ALA A 77 20.93 -33.76 1.73
CA ALA A 77 20.43 -32.68 2.56
C ALA A 77 20.93 -32.84 4.01
N LEU A 78 20.79 -34.05 4.54
CA LEU A 78 21.21 -34.35 5.90
C LEU A 78 22.71 -34.15 6.05
N GLU A 79 23.48 -34.81 5.19
CA GLU A 79 24.91 -34.60 5.17
C GLU A 79 25.16 -33.09 5.19
N THR A 80 24.56 -32.37 4.24
CA THR A 80 24.90 -30.98 4.05
C THR A 80 24.47 -30.13 5.24
N VAL A 81 23.33 -30.48 5.81
CA VAL A 81 22.79 -29.74 6.95
C VAL A 81 23.77 -29.69 8.11
N GLN A 82 24.49 -30.78 8.34
CA GLN A 82 25.45 -30.82 9.44
C GLN A 82 26.67 -29.93 9.13
N ARG A 83 26.97 -29.72 7.86
CA ARG A 83 28.07 -28.85 7.46
C ARG A 83 27.74 -27.35 7.53
N LEU A 84 26.51 -26.98 7.21
CA LEU A 84 26.23 -25.57 6.94
C LEU A 84 25.36 -24.88 8.00
N LEU A 85 24.57 -25.64 8.73
CA LEU A 85 23.63 -25.02 9.67
C LEU A 85 24.29 -23.95 10.58
N PRO A 86 25.42 -24.30 11.24
CA PRO A 86 26.10 -23.31 12.11
C PRO A 86 26.51 -22.04 11.37
N VAL A 87 27.17 -22.18 10.23
CA VAL A 87 27.54 -21.01 9.44
C VAL A 87 26.31 -20.20 9.04
N LEU A 88 25.23 -20.87 8.64
CA LEU A 88 24.07 -20.15 8.14
C LEU A 88 23.41 -19.37 9.26
N CYS A 89 23.25 -19.99 10.42
CA CYS A 89 22.63 -19.35 11.57
C CYS A 89 23.51 -18.25 12.17
N GLN A 90 24.80 -18.55 12.31
CA GLN A 90 25.73 -17.64 12.98
C GLN A 90 26.18 -16.46 12.13
N ALA A 91 26.48 -16.71 10.86
CA ALA A 91 27.04 -15.69 10.00
C ALA A 91 26.02 -15.03 9.08
N HIS A 92 24.79 -15.55 9.06
CA HIS A 92 23.76 -15.00 8.19
C HIS A 92 22.49 -14.70 8.93
N GLY A 93 22.53 -14.86 10.24
CA GLY A 93 21.43 -14.48 11.10
C GLY A 93 20.22 -15.38 11.01
N LEU A 94 20.24 -16.30 10.05
CA LEU A 94 19.17 -17.28 9.88
C LEU A 94 18.93 -18.06 11.16
N THR A 95 17.68 -18.43 11.38
CA THR A 95 17.30 -19.29 12.49
C THR A 95 17.42 -20.77 12.09
N PRO A 96 17.49 -21.66 13.08
CA PRO A 96 17.51 -23.10 12.77
C PRO A 96 16.28 -23.57 11.98
N GLN A 97 15.09 -23.04 12.28
CA GLN A 97 13.88 -23.44 11.56
C GLN A 97 14.02 -23.12 10.07
N GLN A 98 14.60 -21.95 9.81
CA GLN A 98 14.78 -21.50 8.45
C GLN A 98 15.73 -22.39 7.68
N VAL A 99 16.78 -22.86 8.33
CA VAL A 99 17.75 -23.72 7.64
C VAL A 99 17.11 -25.07 7.32
N VAL A 100 16.30 -25.56 8.25
CA VAL A 100 15.52 -26.77 8.03
C VAL A 100 14.47 -26.63 6.90
N ALA A 101 13.85 -25.46 6.77
CA ALA A 101 12.85 -25.23 5.71
C ALA A 101 13.52 -25.28 4.35
N ILE A 102 14.66 -24.60 4.24
CA ILE A 102 15.49 -24.69 3.06
C ILE A 102 15.91 -26.13 2.76
N ALA A 103 16.24 -26.89 3.81
CA ALA A 103 16.75 -28.25 3.60
C ALA A 103 15.65 -29.24 3.22
N SER A 104 14.40 -28.95 3.62
CA SER A 104 13.29 -29.91 3.41
C SER A 104 12.66 -29.88 2.01
N HIS A 105 13.49 -29.94 0.97
CA HIS A 105 12.96 -30.05 -0.39
C HIS A 105 13.95 -30.84 -1.24
N ASP A 106 13.45 -31.53 -2.27
CA ASP A 106 14.34 -32.23 -3.18
C ASP A 106 15.49 -31.29 -3.54
N GLY A 107 16.70 -31.82 -3.65
CA GLY A 107 17.85 -31.02 -3.98
C GLY A 107 18.24 -30.12 -2.82
N GLY A 108 17.69 -30.42 -1.64
CA GLY A 108 18.02 -29.71 -0.42
C GLY A 108 19.47 -29.24 -0.30
N LYS A 109 20.41 -30.12 -0.65
CA LYS A 109 21.83 -29.83 -0.52
C LYS A 109 22.31 -28.71 -1.42
N GLN A 110 21.72 -28.62 -2.60
CA GLN A 110 22.10 -27.59 -3.56
C GLN A 110 21.54 -26.26 -3.09
N ALA A 111 20.35 -26.28 -2.51
CA ALA A 111 19.75 -25.03 -2.06
C ALA A 111 20.53 -24.44 -0.88
N LEU A 112 20.97 -25.28 0.04
CA LEU A 112 21.73 -24.80 1.21
C LEU A 112 23.06 -24.20 0.77
N GLU A 113 23.82 -24.95 -0.01
CA GLU A 113 25.11 -24.48 -0.47
C GLU A 113 24.98 -23.19 -1.27
N THR A 114 23.84 -23.00 -1.94
CA THR A 114 23.69 -21.85 -2.82
C THR A 114 23.29 -20.62 -2.01
N VAL A 115 22.49 -20.84 -0.96
CA VAL A 115 22.15 -19.76 -0.04
C VAL A 115 23.42 -19.25 0.68
N GLN A 116 24.28 -20.16 1.11
CA GLN A 116 25.52 -19.77 1.77
C GLN A 116 26.36 -18.91 0.82
N ARG A 117 26.33 -19.26 -0.46
CA ARG A 117 27.09 -18.52 -1.46
C ARG A 117 26.42 -17.21 -1.90
N LEU A 118 25.10 -17.22 -2.02
CA LEU A 118 24.43 -16.08 -2.67
C LEU A 118 23.67 -15.15 -1.73
N LEU A 119 23.37 -15.61 -0.52
CA LEU A 119 22.63 -14.77 0.42
C LEU A 119 23.27 -13.38 0.56
N PRO A 120 24.60 -13.31 0.74
CA PRO A 120 25.15 -11.97 0.97
C PRO A 120 24.93 -11.08 -0.24
N VAL A 121 25.16 -11.57 -1.46
CA VAL A 121 24.99 -10.71 -2.64
C VAL A 121 23.52 -10.33 -2.88
N LEU A 122 22.61 -11.29 -2.72
CA LEU A 122 21.20 -11.00 -2.90
C LEU A 122 20.74 -9.90 -1.95
N CYS A 123 21.07 -10.02 -0.67
CA CYS A 123 20.60 -9.06 0.33
C CYS A 123 21.22 -7.68 0.14
N GLN A 124 22.51 -7.67 -0.22
CA GLN A 124 23.29 -6.44 -0.28
C GLN A 124 23.11 -5.68 -1.60
N ALA A 125 23.25 -6.38 -2.71
CA ALA A 125 23.23 -5.73 -4.02
C ALA A 125 21.84 -5.71 -4.65
N HIS A 126 20.85 -6.34 -4.03
CA HIS A 126 19.49 -6.22 -4.55
C HIS A 126 18.49 -5.86 -3.47
N GLY A 127 19.00 -5.53 -2.29
CA GLY A 127 18.14 -5.05 -1.23
C GLY A 127 17.10 -6.04 -0.74
N LEU A 128 17.32 -7.34 -0.99
CA LEU A 128 16.43 -8.34 -0.44
C LEU A 128 16.78 -8.63 1.02
N THR A 129 15.78 -9.11 1.75
CA THR A 129 15.92 -9.49 3.13
C THR A 129 16.23 -10.99 3.22
N PRO A 130 16.90 -11.41 4.31
CA PRO A 130 17.08 -12.84 4.51
C PRO A 130 15.78 -13.61 4.39
N GLU A 131 14.66 -13.00 4.77
CA GLU A 131 13.37 -13.69 4.73
C GLU A 131 12.94 -14.02 3.30
N GLN A 132 13.38 -13.22 2.35
CA GLN A 132 13.01 -13.39 0.96
C GLN A 132 13.95 -14.35 0.25
N VAL A 133 15.22 -14.31 0.64
CA VAL A 133 16.15 -15.27 0.12
C VAL A 133 15.74 -16.68 0.56
N VAL A 134 15.18 -16.80 1.76
CA VAL A 134 14.77 -18.10 2.31
C VAL A 134 13.54 -18.63 1.60
N ALA A 135 12.60 -17.72 1.31
CA ALA A 135 11.38 -18.10 0.58
C ALA A 135 11.77 -18.53 -0.83
N ILE A 136 12.75 -17.87 -1.44
CA ILE A 136 13.22 -18.31 -2.76
C ILE A 136 13.88 -19.70 -2.70
N ALA A 137 14.75 -19.93 -1.72
CA ALA A 137 15.53 -21.16 -1.65
C ALA A 137 14.67 -22.38 -1.32
N SER A 138 13.55 -22.12 -0.64
CA SER A 138 12.75 -23.15 0.00
C SER A 138 11.74 -23.80 -0.94
N ASN A 139 12.19 -24.11 -2.15
CA ASN A 139 11.39 -24.88 -3.09
C ASN A 139 12.27 -25.95 -3.75
N SER A 140 11.67 -27.06 -4.15
CA SER A 140 12.31 -27.93 -5.13
C SER A 140 12.97 -26.99 -6.15
N GLY A 141 14.26 -27.18 -6.41
CA GLY A 141 14.99 -26.41 -7.42
C GLY A 141 15.56 -25.09 -6.93
N GLY A 142 15.52 -24.89 -5.61
CA GLY A 142 15.92 -23.60 -5.00
C GLY A 142 17.21 -22.96 -5.52
N LYS A 143 18.20 -23.79 -5.79
CA LYS A 143 19.45 -23.29 -6.32
C LYS A 143 19.19 -22.59 -7.63
N GLN A 144 18.34 -23.17 -8.47
CA GLN A 144 18.07 -22.59 -9.78
C GLN A 144 17.27 -21.29 -9.67
N ALA A 145 16.36 -21.23 -8.70
CA ALA A 145 15.60 -20.01 -8.50
C ALA A 145 16.53 -18.89 -8.00
N LEU A 146 17.34 -19.21 -6.99
CA LEU A 146 18.31 -18.26 -6.41
C LEU A 146 19.26 -17.69 -7.46
N GLU A 147 19.92 -18.56 -8.23
CA GLU A 147 20.87 -18.08 -9.23
C GLU A 147 20.19 -17.21 -10.29
N THR A 148 18.93 -17.54 -10.59
CA THR A 148 18.19 -16.81 -11.63
C THR A 148 17.71 -15.43 -11.15
N VAL A 149 17.23 -15.34 -9.91
CA VAL A 149 16.94 -14.04 -9.32
C VAL A 149 18.18 -13.15 -9.37
N GLN A 150 19.34 -13.75 -9.10
CA GLN A 150 20.60 -12.99 -9.13
C GLN A 150 20.88 -12.44 -10.52
N ALA A 151 20.63 -13.26 -11.55
CA ALA A 151 20.87 -12.80 -12.93
C ALA A 151 19.84 -11.81 -13.47
N LEU A 152 18.56 -12.00 -13.13
CA LEU A 152 17.48 -11.29 -13.83
C LEU A 152 16.74 -10.21 -13.04
N LEU A 153 16.91 -10.16 -11.72
CA LEU A 153 16.14 -9.20 -10.93
C LEU A 153 16.36 -7.72 -11.38
N PRO A 154 17.58 -7.39 -11.87
CA PRO A 154 17.81 -6.04 -12.39
C PRO A 154 17.03 -5.74 -13.67
N VAL A 155 17.09 -6.63 -14.66
CA VAL A 155 16.40 -6.34 -15.92
C VAL A 155 14.86 -6.42 -15.76
N LEU A 156 14.36 -7.39 -15.01
CA LEU A 156 12.93 -7.45 -14.74
C LEU A 156 12.41 -6.16 -14.08
N CYS A 157 13.23 -5.55 -13.23
CA CYS A 157 12.88 -4.27 -12.65
C CYS A 157 13.10 -3.07 -13.62
N GLN A 158 14.31 -2.90 -14.15
CA GLN A 158 14.58 -1.81 -15.08
C GLN A 158 13.73 -1.92 -16.37
N ALA A 159 14.04 -2.90 -17.20
CA ALA A 159 13.47 -3.01 -18.53
C ALA A 159 12.01 -3.50 -18.56
N HIS A 160 11.45 -3.82 -17.40
CA HIS A 160 10.10 -4.35 -17.35
C HIS A 160 9.25 -3.75 -16.27
N GLY A 161 9.86 -2.98 -15.39
CA GLY A 161 9.14 -2.30 -14.32
C GLY A 161 8.47 -3.16 -13.25
N LEU A 162 8.95 -4.39 -13.02
CA LEU A 162 8.47 -5.13 -11.86
C LEU A 162 9.15 -4.64 -10.59
N THR A 163 8.44 -4.70 -9.47
CA THR A 163 9.04 -4.49 -8.14
C THR A 163 9.76 -5.78 -7.65
N PRO A 164 10.77 -5.62 -6.77
CA PRO A 164 11.55 -6.76 -6.26
C PRO A 164 10.63 -7.76 -5.57
N GLU A 165 9.64 -7.26 -4.85
CA GLU A 165 8.62 -8.12 -4.24
C GLU A 165 7.97 -9.02 -5.27
N GLN A 166 7.66 -8.46 -6.44
CA GLN A 166 7.00 -9.24 -7.48
C GLN A 166 7.97 -10.29 -8.01
N VAL A 167 9.22 -9.90 -8.25
CA VAL A 167 10.25 -10.85 -8.69
C VAL A 167 10.48 -11.96 -7.64
N VAL A 168 10.29 -11.64 -6.36
CA VAL A 168 10.48 -12.64 -5.31
C VAL A 168 9.33 -13.62 -5.29
N ALA A 169 8.12 -13.09 -5.48
CA ALA A 169 6.92 -13.92 -5.51
C ALA A 169 6.99 -14.87 -6.72
N ILE A 170 7.48 -14.38 -7.85
CA ILE A 170 7.60 -15.24 -9.01
C ILE A 170 8.60 -16.34 -8.78
N ALA A 171 9.68 -16.02 -8.05
CA ALA A 171 10.79 -16.96 -7.87
C ALA A 171 10.52 -18.01 -6.83
N SER A 172 9.60 -17.72 -5.90
CA SER A 172 9.35 -18.54 -4.70
C SER A 172 8.36 -19.71 -4.92
N ASN A 173 8.54 -20.40 -6.02
CA ASN A 173 7.78 -21.62 -6.28
C ASN A 173 8.72 -22.66 -6.88
N SER A 174 8.40 -23.94 -6.74
CA SER A 174 9.07 -24.95 -7.57
C SER A 174 9.06 -24.41 -9.01
N GLY A 175 10.14 -24.63 -9.74
CA GLY A 175 10.23 -24.12 -11.11
C GLY A 175 10.42 -22.62 -11.21
N GLY A 176 10.61 -21.94 -10.07
CA GLY A 176 10.88 -20.50 -10.05
C GLY A 176 11.86 -19.98 -11.12
N LYS A 177 12.93 -20.74 -11.40
CA LYS A 177 13.80 -20.37 -12.53
C LYS A 177 13.03 -20.29 -13.87
N GLN A 178 12.16 -21.27 -14.12
CA GLN A 178 11.38 -21.29 -15.37
C GLN A 178 10.43 -20.12 -15.40
N ALA A 179 9.66 -19.97 -14.32
CA ALA A 179 8.71 -18.86 -14.26
C ALA A 179 9.37 -17.49 -14.58
N LEU A 180 10.55 -17.22 -14.04
CA LEU A 180 11.20 -15.92 -14.22
C LEU A 180 11.71 -15.66 -15.64
N GLU A 181 12.24 -16.70 -16.31
CA GLU A 181 12.74 -16.55 -17.68
C GLU A 181 11.56 -16.37 -18.63
N THR A 182 10.47 -17.02 -18.29
CA THR A 182 9.27 -16.92 -19.09
C THR A 182 8.69 -15.53 -18.96
N VAL A 183 8.55 -15.05 -17.72
CA VAL A 183 8.04 -13.70 -17.51
C VAL A 183 8.89 -12.71 -18.29
N GLN A 184 10.20 -12.86 -18.21
CA GLN A 184 11.08 -12.01 -18.99
C GLN A 184 10.68 -12.03 -20.47
N ARG A 185 10.35 -13.22 -20.97
CA ARG A 185 10.08 -13.45 -22.38
C ARG A 185 8.70 -12.94 -22.85
N LEU A 186 7.66 -13.21 -22.06
CA LEU A 186 6.30 -13.05 -22.52
C LEU A 186 5.54 -11.88 -21.89
N LEU A 187 6.16 -11.18 -20.95
CA LEU A 187 5.48 -10.05 -20.29
C LEU A 187 5.10 -8.94 -21.26
N PRO A 188 6.03 -8.54 -22.15
CA PRO A 188 5.65 -7.58 -23.21
C PRO A 188 4.51 -8.13 -24.10
N VAL A 189 4.75 -9.28 -24.71
CA VAL A 189 3.79 -9.92 -25.60
C VAL A 189 2.39 -10.05 -25.01
N LEU A 190 2.30 -10.51 -23.77
CA LEU A 190 1.00 -10.76 -23.17
C LEU A 190 0.25 -9.45 -22.90
N CYS A 191 0.99 -8.37 -22.65
CA CYS A 191 0.39 -7.05 -22.42
C CYS A 191 -0.04 -6.37 -23.73
N GLN A 192 0.83 -6.41 -24.72
CA GLN A 192 0.60 -5.77 -26.01
C GLN A 192 -0.41 -6.52 -26.89
N ALA A 193 -0.13 -7.79 -27.15
CA ALA A 193 -0.98 -8.62 -28.01
C ALA A 193 -2.27 -9.11 -27.37
N HIS A 194 -2.35 -9.07 -26.04
CA HIS A 194 -3.52 -9.61 -25.35
C HIS A 194 -4.18 -8.70 -24.35
N GLY A 195 -3.63 -7.52 -24.12
CA GLY A 195 -4.20 -6.57 -23.18
C GLY A 195 -4.16 -7.01 -21.71
N LEU A 196 -3.08 -7.67 -21.31
CA LEU A 196 -2.92 -8.05 -19.91
C LEU A 196 -2.08 -7.04 -19.16
N THR A 197 -2.44 -6.74 -17.92
CA THR A 197 -1.61 -5.85 -17.10
C THR A 197 -0.41 -6.64 -16.57
N PRO A 198 0.71 -5.95 -16.37
CA PRO A 198 1.88 -6.57 -15.73
C PRO A 198 1.49 -7.33 -14.45
N GLN A 199 0.74 -6.67 -13.58
CA GLN A 199 0.18 -7.32 -12.39
C GLN A 199 -0.52 -8.65 -12.71
N GLN A 200 -1.12 -8.77 -13.89
CA GLN A 200 -1.85 -9.99 -14.21
C GLN A 200 -0.90 -11.08 -14.66
N VAL A 201 0.19 -10.67 -15.30
CA VAL A 201 1.18 -11.63 -15.73
C VAL A 201 1.83 -12.17 -14.47
N VAL A 202 2.13 -11.28 -13.52
CA VAL A 202 2.74 -11.70 -12.27
C VAL A 202 1.89 -12.72 -11.52
N ALA A 203 0.59 -12.46 -11.41
CA ALA A 203 -0.34 -13.39 -10.76
C ALA A 203 -0.33 -14.76 -11.45
N ILE A 204 -0.25 -14.76 -12.77
CA ILE A 204 -0.22 -16.06 -13.46
C ILE A 204 1.08 -16.77 -13.15
N ALA A 205 2.17 -16.01 -13.09
CA ALA A 205 3.49 -16.61 -13.01
C ALA A 205 3.84 -17.12 -11.60
N SER A 206 3.12 -16.67 -10.58
N SER A 206 3.12 -16.67 -10.58
CA SER A 206 3.48 -16.93 -9.19
CA SER A 206 3.47 -16.93 -9.19
C SER A 206 2.87 -18.22 -8.62
C SER A 206 2.86 -18.21 -8.63
N HIS A 207 2.95 -19.29 -9.40
CA HIS A 207 2.63 -20.58 -8.85
C HIS A 207 3.47 -21.65 -9.49
N ASP A 208 3.51 -22.82 -8.87
CA ASP A 208 4.24 -23.95 -9.43
C ASP A 208 3.80 -24.16 -10.87
N GLY A 209 4.77 -24.30 -11.77
CA GLY A 209 4.48 -24.46 -13.18
C GLY A 209 4.06 -23.14 -13.82
N GLY A 210 4.41 -22.04 -13.16
CA GLY A 210 4.11 -20.71 -13.67
C GLY A 210 4.43 -20.49 -15.15
N LYS A 211 5.51 -21.11 -15.60
CA LYS A 211 5.90 -21.03 -17.00
C LYS A 211 4.89 -21.75 -17.89
N GLN A 212 4.41 -22.90 -17.41
CA GLN A 212 3.43 -23.70 -18.14
C GLN A 212 2.17 -22.87 -18.35
N ALA A 213 1.74 -22.16 -17.30
CA ALA A 213 0.53 -21.36 -17.36
C ALA A 213 0.67 -20.16 -18.27
N LEU A 214 1.79 -19.46 -18.21
CA LEU A 214 1.99 -18.29 -19.05
C LEU A 214 1.98 -18.69 -20.53
N GLU A 215 2.69 -19.76 -20.86
CA GLU A 215 2.72 -20.27 -22.23
C GLU A 215 1.35 -20.71 -22.73
N THR A 216 0.56 -21.31 -21.83
CA THR A 216 -0.76 -21.79 -22.21
C THR A 216 -1.75 -20.62 -22.36
N VAL A 217 -1.56 -19.58 -21.57
CA VAL A 217 -2.34 -18.37 -21.74
C VAL A 217 -1.99 -17.73 -23.08
N GLN A 218 -0.71 -17.74 -23.43
CA GLN A 218 -0.32 -17.05 -24.65
C GLN A 218 -0.94 -17.76 -25.86
N ARG A 219 -0.95 -19.09 -25.79
CA ARG A 219 -1.57 -19.90 -26.82
C ARG A 219 -3.09 -19.77 -26.80
N LEU A 220 -3.71 -20.34 -25.77
CA LEU A 220 -5.13 -20.56 -25.74
C LEU A 220 -5.98 -19.33 -25.52
N LEU A 221 -5.37 -18.23 -25.07
CA LEU A 221 -6.19 -17.06 -24.74
C LEU A 221 -7.11 -16.63 -25.90
N PRO A 222 -6.57 -16.55 -27.12
CA PRO A 222 -7.40 -16.16 -28.30
C PRO A 222 -8.65 -17.02 -28.44
N VAL A 223 -8.48 -18.33 -28.57
CA VAL A 223 -9.60 -19.26 -28.75
C VAL A 223 -10.63 -19.10 -27.63
N LEU A 224 -10.13 -19.06 -26.40
CA LEU A 224 -11.00 -18.92 -25.23
C LEU A 224 -11.80 -17.62 -25.30
N CYS A 225 -11.15 -16.54 -25.72
CA CYS A 225 -11.80 -15.23 -25.79
C CYS A 225 -12.61 -15.07 -27.08
N GLN A 226 -11.91 -15.13 -28.22
CA GLN A 226 -12.56 -14.89 -29.51
C GLN A 226 -13.63 -15.94 -29.82
N ALA A 227 -13.27 -17.21 -29.79
CA ALA A 227 -14.26 -18.24 -30.09
C ALA A 227 -15.26 -18.39 -28.94
N HIS A 228 -14.78 -18.95 -27.83
CA HIS A 228 -15.62 -19.27 -26.67
C HIS A 228 -16.20 -18.06 -25.93
N GLY A 229 -15.72 -16.86 -26.27
CA GLY A 229 -16.32 -15.64 -25.74
C GLY A 229 -15.88 -15.16 -24.36
N LEU A 230 -15.10 -15.99 -23.65
CA LEU A 230 -14.59 -15.62 -22.33
C LEU A 230 -13.89 -14.25 -22.33
N THR A 231 -13.96 -13.55 -21.20
CA THR A 231 -13.14 -12.35 -21.02
C THR A 231 -11.71 -12.78 -20.70
N PRO A 232 -10.73 -11.91 -20.99
CA PRO A 232 -9.34 -12.26 -20.63
C PRO A 232 -9.17 -12.35 -19.13
N GLN A 233 -9.84 -11.46 -18.39
CA GLN A 233 -9.86 -11.50 -16.93
C GLN A 233 -10.30 -12.88 -16.39
N GLN A 234 -11.18 -13.56 -17.12
CA GLN A 234 -11.63 -14.89 -16.72
C GLN A 234 -10.60 -15.93 -17.10
N VAL A 235 -9.84 -15.63 -18.13
CA VAL A 235 -8.77 -16.52 -18.54
C VAL A 235 -7.63 -16.38 -17.53
N VAL A 236 -7.36 -15.15 -17.10
CA VAL A 236 -6.39 -14.94 -16.04
C VAL A 236 -6.77 -15.79 -14.82
N ALA A 237 -7.97 -15.57 -14.29
CA ALA A 237 -8.42 -16.25 -13.08
C ALA A 237 -8.31 -17.77 -13.16
N ILE A 238 -8.46 -18.33 -14.36
CA ILE A 238 -8.35 -19.78 -14.53
C ILE A 238 -6.89 -20.19 -14.43
N ALA A 239 -6.03 -19.32 -14.93
CA ALA A 239 -4.63 -19.67 -15.12
C ALA A 239 -3.83 -19.43 -13.85
N SER A 240 -4.31 -18.52 -13.01
CA SER A 240 -3.63 -18.14 -11.78
C SER A 240 -3.84 -19.17 -10.68
N ASN A 241 -3.52 -20.42 -10.97
CA ASN A 241 -3.62 -21.50 -10.00
C ASN A 241 -2.64 -22.60 -10.32
N GLY A 242 -2.35 -23.45 -9.33
CA GLY A 242 -1.47 -24.58 -9.54
C GLY A 242 -1.99 -25.43 -10.69
N GLY A 243 -1.10 -25.76 -11.62
CA GLY A 243 -1.49 -26.55 -12.78
C GLY A 243 -2.49 -25.80 -13.65
N GLY A 244 -2.27 -24.49 -13.79
CA GLY A 244 -3.15 -23.65 -14.56
C GLY A 244 -3.32 -24.08 -16.00
N LYS A 245 -2.24 -24.59 -16.60
CA LYS A 245 -2.28 -25.02 -17.99
C LYS A 245 -3.25 -26.18 -18.21
N GLN A 246 -3.32 -27.09 -17.24
CA GLN A 246 -4.27 -28.19 -17.31
C GLN A 246 -5.71 -27.65 -17.22
N ALA A 247 -5.91 -26.65 -16.37
CA ALA A 247 -7.21 -26.00 -16.24
C ALA A 247 -7.66 -25.45 -17.59
N LEU A 248 -6.80 -24.65 -18.22
CA LEU A 248 -7.08 -23.99 -19.50
C LEU A 248 -7.33 -24.98 -20.66
N GLU A 249 -6.42 -25.93 -20.85
CA GLU A 249 -6.62 -26.97 -21.83
C GLU A 249 -8.00 -27.62 -21.64
N THR A 250 -8.34 -27.90 -20.38
CA THR A 250 -9.60 -28.56 -20.05
C THR A 250 -10.85 -27.71 -20.28
N VAL A 251 -10.79 -26.42 -19.95
CA VAL A 251 -11.89 -25.52 -20.28
C VAL A 251 -12.19 -25.53 -21.79
N GLN A 252 -11.16 -25.33 -22.63
CA GLN A 252 -11.36 -25.42 -24.07
C GLN A 252 -12.19 -26.65 -24.45
N ARG A 253 -11.71 -27.82 -24.06
CA ARG A 253 -12.36 -29.08 -24.37
C ARG A 253 -13.81 -29.18 -23.88
N LEU A 254 -14.04 -28.88 -22.60
CA LEU A 254 -15.33 -29.14 -22.01
C LEU A 254 -16.30 -27.97 -21.97
N LEU A 255 -15.88 -26.79 -22.42
CA LEU A 255 -16.78 -25.64 -22.35
C LEU A 255 -18.06 -25.80 -23.17
N PRO A 256 -17.98 -26.53 -24.30
CA PRO A 256 -19.22 -26.87 -25.02
C PRO A 256 -20.03 -27.89 -24.24
N VAL A 257 -19.46 -29.08 -24.06
CA VAL A 257 -20.16 -30.22 -23.46
C VAL A 257 -20.84 -29.89 -22.13
N LEU A 258 -20.49 -28.74 -21.54
CA LEU A 258 -21.02 -28.39 -20.23
C LEU A 258 -22.02 -27.25 -20.33
N CYS A 259 -21.88 -26.44 -21.38
CA CYS A 259 -22.76 -25.31 -21.62
C CYS A 259 -23.95 -25.66 -22.51
N GLN A 260 -23.89 -26.83 -23.15
CA GLN A 260 -24.92 -27.20 -24.11
C GLN A 260 -25.64 -28.46 -23.68
N ALA A 261 -24.87 -29.52 -23.41
CA ALA A 261 -25.42 -30.77 -22.91
C ALA A 261 -25.99 -30.61 -21.49
N HIS A 262 -25.18 -30.10 -20.57
CA HIS A 262 -25.59 -29.98 -19.17
C HIS A 262 -26.15 -28.60 -18.81
N GLY A 263 -26.16 -27.69 -19.78
CA GLY A 263 -26.86 -26.43 -19.62
C GLY A 263 -26.18 -25.35 -18.80
N LEU A 264 -25.01 -25.67 -18.25
CA LEU A 264 -24.26 -24.71 -17.43
C LEU A 264 -23.84 -23.50 -18.25
N THR A 265 -23.65 -22.37 -17.56
CA THR A 265 -23.24 -21.14 -18.21
C THR A 265 -21.73 -20.96 -18.12
N PRO A 266 -21.14 -20.44 -19.19
CA PRO A 266 -19.70 -20.17 -19.21
C PRO A 266 -19.23 -19.64 -17.86
N GLN A 267 -20.00 -18.71 -17.30
CA GLN A 267 -19.69 -18.12 -16.01
C GLN A 267 -19.48 -19.20 -14.95
N GLN A 268 -20.24 -20.28 -15.04
CA GLN A 268 -20.12 -21.36 -14.06
C GLN A 268 -18.92 -22.24 -14.28
N VAL A 269 -18.67 -22.61 -15.54
CA VAL A 269 -17.56 -23.51 -15.86
C VAL A 269 -16.22 -22.85 -15.48
N VAL A 270 -16.16 -21.54 -15.65
CA VAL A 270 -14.98 -20.79 -15.25
C VAL A 270 -14.73 -20.87 -13.74
N ALA A 271 -15.81 -20.85 -12.95
CA ALA A 271 -15.69 -20.85 -11.51
C ALA A 271 -15.17 -22.19 -11.01
N ILE A 272 -15.40 -23.24 -11.77
CA ILE A 272 -14.99 -24.57 -11.37
C ILE A 272 -13.51 -24.77 -11.72
N ALA A 273 -13.12 -24.21 -12.85
CA ALA A 273 -11.73 -24.28 -13.32
C ALA A 273 -10.76 -23.43 -12.49
N SER A 274 -11.25 -22.33 -11.91
CA SER A 274 -10.38 -21.34 -11.24
C SER A 274 -9.94 -21.76 -9.82
N ASN A 275 -9.49 -23.01 -9.71
CA ASN A 275 -9.01 -23.53 -8.45
C ASN A 275 -7.89 -24.50 -8.76
N SER A 276 -7.10 -24.83 -7.75
CA SER A 276 -6.04 -25.81 -7.90
C SER A 276 -6.65 -27.16 -8.28
N GLY A 277 -6.15 -27.77 -9.36
CA GLY A 277 -6.72 -29.02 -9.86
C GLY A 277 -8.03 -28.83 -10.63
N GLY A 278 -8.18 -27.65 -11.24
CA GLY A 278 -9.41 -27.30 -11.91
C GLY A 278 -9.79 -28.29 -12.98
N LYS A 279 -8.78 -28.95 -13.54
CA LYS A 279 -9.03 -29.96 -14.56
C LYS A 279 -9.76 -31.17 -13.94
N GLN A 280 -9.30 -31.62 -12.78
CA GLN A 280 -9.95 -32.73 -12.11
C GLN A 280 -11.37 -32.33 -11.75
N ALA A 281 -11.56 -31.07 -11.38
CA ALA A 281 -12.88 -30.58 -11.02
C ALA A 281 -13.86 -30.71 -12.19
N LEU A 282 -13.44 -30.17 -13.35
CA LEU A 282 -14.29 -30.13 -14.53
C LEU A 282 -14.71 -31.52 -14.97
N GLU A 283 -13.70 -32.34 -15.25
CA GLU A 283 -13.93 -33.70 -15.71
C GLU A 283 -14.85 -34.48 -14.77
N THR A 284 -14.81 -34.18 -13.48
CA THR A 284 -15.66 -34.85 -12.49
C THR A 284 -17.10 -34.31 -12.50
N VAL A 285 -17.25 -33.01 -12.76
CA VAL A 285 -18.57 -32.43 -12.93
C VAL A 285 -19.23 -32.98 -14.21
N GLN A 286 -18.45 -33.03 -15.28
CA GLN A 286 -18.84 -33.67 -16.52
C GLN A 286 -19.46 -35.01 -16.19
N ARG A 287 -18.72 -35.83 -15.46
CA ARG A 287 -19.10 -37.21 -15.22
C ARG A 287 -20.14 -37.48 -14.13
N LEU A 288 -20.50 -36.46 -13.34
CA LEU A 288 -21.44 -36.73 -12.25
C LEU A 288 -22.69 -35.87 -12.20
N LEU A 289 -22.75 -34.82 -13.03
CA LEU A 289 -23.89 -33.91 -12.97
C LEU A 289 -25.25 -34.60 -13.16
N PRO A 290 -25.34 -35.51 -14.15
CA PRO A 290 -26.56 -36.32 -14.29
C PRO A 290 -26.79 -37.26 -13.09
N VAL A 291 -25.73 -37.90 -12.62
CA VAL A 291 -25.83 -38.86 -11.53
C VAL A 291 -26.36 -38.25 -10.23
N LEU A 292 -26.07 -36.96 -9.99
CA LEU A 292 -26.45 -36.32 -8.74
C LEU A 292 -27.76 -35.55 -8.84
N CYS A 293 -28.13 -35.17 -10.06
CA CYS A 293 -29.36 -34.43 -10.29
C CYS A 293 -30.49 -35.35 -10.73
N GLN A 294 -30.46 -36.59 -10.24
CA GLN A 294 -31.49 -37.56 -10.57
C GLN A 294 -31.56 -38.67 -9.52
N ALA A 295 -30.41 -39.05 -8.99
CA ALA A 295 -30.34 -40.11 -7.99
C ALA A 295 -29.86 -39.57 -6.64
N HIS A 296 -29.86 -38.25 -6.50
CA HIS A 296 -29.44 -37.62 -5.27
C HIS A 296 -30.15 -36.31 -5.05
N GLY A 297 -31.09 -36.00 -5.94
CA GLY A 297 -31.85 -34.77 -5.85
C GLY A 297 -30.99 -33.56 -5.55
N LEU A 298 -30.02 -33.30 -6.42
CA LEU A 298 -29.13 -32.17 -6.25
C LEU A 298 -29.16 -31.26 -7.48
N THR A 299 -29.45 -29.98 -7.26
CA THR A 299 -29.50 -29.01 -8.36
C THR A 299 -28.11 -28.79 -8.98
N PRO A 300 -28.06 -28.27 -10.23
CA PRO A 300 -26.78 -27.95 -10.86
C PRO A 300 -25.98 -26.95 -10.01
N GLN A 301 -26.61 -25.83 -9.67
CA GLN A 301 -26.00 -24.80 -8.81
C GLN A 301 -25.30 -25.37 -7.59
N GLN A 302 -25.93 -26.33 -6.91
CA GLN A 302 -25.31 -26.95 -5.76
C GLN A 302 -24.03 -27.69 -6.16
N VAL A 303 -24.15 -28.53 -7.18
CA VAL A 303 -23.00 -29.24 -7.73
C VAL A 303 -21.86 -28.26 -8.10
N VAL A 304 -22.21 -27.14 -8.72
CA VAL A 304 -21.22 -26.13 -9.09
C VAL A 304 -20.50 -25.57 -7.86
N ALA A 305 -21.28 -25.22 -6.83
CA ALA A 305 -20.70 -24.69 -5.60
C ALA A 305 -19.78 -25.71 -4.92
N ILE A 306 -20.14 -26.98 -5.00
CA ILE A 306 -19.33 -28.03 -4.37
C ILE A 306 -17.97 -28.18 -5.05
N ALA A 307 -17.95 -27.96 -6.36
CA ALA A 307 -16.79 -28.24 -7.18
C ALA A 307 -15.90 -27.01 -7.34
N SER A 308 -16.45 -25.85 -7.02
CA SER A 308 -15.73 -24.58 -7.11
C SER A 308 -14.85 -24.28 -5.88
N HIS A 309 -13.95 -25.21 -5.57
CA HIS A 309 -12.91 -25.00 -4.55
C HIS A 309 -11.76 -25.97 -4.84
N ASP A 310 -10.54 -25.66 -4.41
CA ASP A 310 -9.44 -26.61 -4.59
C ASP A 310 -9.95 -27.97 -4.16
N GLY A 311 -9.46 -29.05 -4.78
CA GLY A 311 -9.89 -30.41 -4.43
C GLY A 311 -11.35 -30.71 -4.77
N GLY A 312 -11.91 -29.91 -5.68
CA GLY A 312 -13.32 -29.98 -6.00
C GLY A 312 -13.76 -31.38 -6.40
N LYS A 313 -12.94 -32.07 -7.18
CA LYS A 313 -13.24 -33.44 -7.54
C LYS A 313 -13.43 -34.35 -6.32
N GLN A 314 -12.57 -34.21 -5.31
CA GLN A 314 -12.65 -35.03 -4.08
C GLN A 314 -13.96 -34.84 -3.32
N ALA A 315 -14.39 -33.59 -3.20
CA ALA A 315 -15.64 -33.33 -2.51
C ALA A 315 -16.86 -33.92 -3.25
N LEU A 316 -16.93 -33.74 -4.57
CA LEU A 316 -18.05 -34.22 -5.37
C LEU A 316 -18.23 -35.73 -5.33
N GLU A 317 -17.13 -36.46 -5.40
CA GLU A 317 -17.17 -37.91 -5.27
C GLU A 317 -17.49 -38.34 -3.84
N THR A 318 -17.09 -37.51 -2.88
CA THR A 318 -17.34 -37.82 -1.47
C THR A 318 -18.80 -37.51 -1.12
N VAL A 319 -19.40 -36.59 -1.86
CA VAL A 319 -20.83 -36.29 -1.75
C VAL A 319 -21.67 -37.44 -2.31
N GLN A 320 -21.42 -37.82 -3.56
CA GLN A 320 -22.15 -38.90 -4.21
C GLN A 320 -22.10 -40.19 -3.38
N ARG A 321 -20.95 -40.40 -2.74
CA ARG A 321 -20.74 -41.61 -1.95
C ARG A 321 -21.36 -41.55 -0.55
N LEU A 322 -21.54 -40.34 -0.01
CA LEU A 322 -22.03 -40.21 1.36
C LEU A 322 -23.34 -39.44 1.56
N LEU A 323 -23.83 -38.79 0.52
CA LEU A 323 -25.12 -38.10 0.63
C LEU A 323 -26.21 -39.09 1.11
N PRO A 324 -26.20 -40.33 0.56
CA PRO A 324 -26.98 -41.45 1.10
C PRO A 324 -26.92 -41.53 2.63
N VAL A 325 -25.88 -42.18 3.14
CA VAL A 325 -25.76 -42.39 4.58
C VAL A 325 -26.00 -41.17 5.45
N LEU A 326 -25.31 -40.07 5.16
CA LEU A 326 -25.35 -38.91 6.06
C LEU A 326 -26.77 -38.38 6.28
N CYS A 327 -27.53 -38.30 5.20
CA CYS A 327 -28.95 -37.99 5.33
C CYS A 327 -29.70 -39.13 6.04
N GLN A 328 -29.67 -40.31 5.44
CA GLN A 328 -30.41 -41.47 5.93
C GLN A 328 -30.05 -41.95 7.34
N ALA A 329 -28.76 -42.06 7.64
CA ALA A 329 -28.32 -42.69 8.89
C ALA A 329 -27.97 -41.68 9.97
N HIS A 330 -27.73 -40.44 9.58
CA HIS A 330 -27.31 -39.40 10.52
C HIS A 330 -28.34 -38.24 10.64
N GLY A 331 -28.93 -37.85 9.51
CA GLY A 331 -30.06 -36.94 9.55
C GLY A 331 -29.89 -35.55 8.95
N LEU A 332 -28.73 -35.25 8.38
CA LEU A 332 -28.50 -33.91 7.85
C LEU A 332 -29.13 -33.68 6.47
N THR A 333 -29.67 -32.49 6.25
CA THR A 333 -30.34 -32.20 4.99
C THR A 333 -29.36 -31.93 3.85
N PRO A 334 -29.75 -32.29 2.62
CA PRO A 334 -28.91 -32.01 1.45
C PRO A 334 -28.30 -30.62 1.54
N GLN A 335 -28.95 -29.71 2.26
CA GLN A 335 -28.41 -28.37 2.50
C GLN A 335 -27.16 -28.45 3.40
N GLN A 336 -27.22 -29.24 4.47
CA GLN A 336 -26.11 -29.38 5.40
C GLN A 336 -24.93 -30.14 4.79
N VAL A 337 -25.21 -31.13 3.96
CA VAL A 337 -24.13 -31.90 3.34
C VAL A 337 -23.46 -31.07 2.26
N VAL A 338 -24.23 -30.28 1.53
CA VAL A 338 -23.71 -29.44 0.46
C VAL A 338 -22.88 -28.29 1.03
N ALA A 339 -23.13 -27.95 2.30
CA ALA A 339 -22.40 -26.88 2.96
C ALA A 339 -21.04 -27.38 3.45
N ILE A 340 -21.03 -28.58 4.01
CA ILE A 340 -19.80 -29.15 4.54
C ILE A 340 -18.84 -29.44 3.41
N ALA A 341 -19.37 -29.74 2.23
CA ALA A 341 -18.53 -30.07 1.10
C ALA A 341 -18.08 -28.83 0.33
N SER A 342 -18.74 -27.70 0.60
CA SER A 342 -18.49 -26.49 -0.15
C SER A 342 -17.28 -25.68 0.36
N ASN A 343 -16.24 -26.40 0.74
CA ASN A 343 -14.96 -25.81 1.17
C ASN A 343 -13.77 -26.59 0.64
N GLY A 344 -12.62 -25.93 0.54
CA GLY A 344 -11.36 -26.62 0.31
C GLY A 344 -11.25 -27.72 1.34
N GLY A 345 -10.81 -28.91 0.93
CA GLY A 345 -10.75 -30.05 1.81
C GLY A 345 -12.13 -30.55 2.21
N GLY A 346 -13.14 -30.24 1.39
CA GLY A 346 -14.50 -30.69 1.64
C GLY A 346 -14.62 -32.20 1.85
N LYS A 347 -13.97 -32.98 0.99
CA LYS A 347 -13.92 -34.42 1.18
C LYS A 347 -13.56 -34.81 2.62
N GLN A 348 -12.53 -34.19 3.17
CA GLN A 348 -12.12 -34.50 4.54
C GLN A 348 -13.19 -34.18 5.58
N ALA A 349 -13.74 -32.97 5.53
CA ALA A 349 -14.77 -32.58 6.48
C ALA A 349 -15.96 -33.53 6.44
N LEU A 350 -16.28 -34.03 5.24
CA LEU A 350 -17.33 -35.01 5.04
C LEU A 350 -17.04 -36.39 5.70
N GLU A 351 -15.82 -36.88 5.54
CA GLU A 351 -15.45 -38.15 6.15
C GLU A 351 -15.33 -38.05 7.67
N THR A 352 -15.04 -36.86 8.19
CA THR A 352 -14.85 -36.73 9.62
C THR A 352 -16.21 -36.57 10.30
N VAL A 353 -17.18 -36.17 9.49
CA VAL A 353 -18.55 -36.00 9.96
C VAL A 353 -19.30 -37.33 9.83
N GLN A 354 -18.94 -38.10 8.80
CA GLN A 354 -19.29 -39.50 8.76
C GLN A 354 -18.88 -40.18 10.07
N ARG A 355 -17.59 -40.10 10.39
CA ARG A 355 -17.05 -40.71 11.61
C ARG A 355 -17.64 -40.14 12.89
N LEU A 356 -17.59 -38.82 13.06
CA LEU A 356 -17.71 -38.24 14.41
C LEU A 356 -19.07 -37.63 14.85
N LEU A 357 -20.03 -37.56 13.94
CA LEU A 357 -21.33 -37.01 14.26
C LEU A 357 -21.93 -37.69 15.50
N PRO A 358 -21.83 -39.01 15.54
CA PRO A 358 -22.35 -39.80 16.65
C PRO A 358 -21.50 -39.68 17.91
N VAL A 359 -20.20 -39.89 17.77
CA VAL A 359 -19.29 -39.80 18.91
C VAL A 359 -19.39 -38.44 19.60
N LEU A 360 -19.36 -37.38 18.80
CA LEU A 360 -19.42 -36.02 19.34
C LEU A 360 -20.71 -35.72 20.08
N CYS A 361 -21.82 -36.13 19.47
CA CYS A 361 -23.12 -36.00 20.11
C CYS A 361 -23.22 -36.90 21.36
N GLN A 362 -22.80 -38.15 21.21
CA GLN A 362 -22.89 -39.12 22.29
C GLN A 362 -21.97 -38.82 23.48
N ALA A 363 -20.72 -38.51 23.19
CA ALA A 363 -19.73 -38.29 24.25
C ALA A 363 -19.66 -36.84 24.72
N HIS A 364 -20.08 -35.88 23.90
CA HIS A 364 -19.91 -34.48 24.23
C HIS A 364 -21.18 -33.68 24.27
N GLY A 365 -22.27 -34.25 23.76
CA GLY A 365 -23.57 -33.61 23.76
C GLY A 365 -23.81 -32.60 22.65
N LEU A 366 -23.07 -32.67 21.56
CA LEU A 366 -23.27 -31.69 20.49
C LEU A 366 -24.43 -32.06 19.56
N THR A 367 -25.02 -31.05 18.95
CA THR A 367 -26.07 -31.27 17.96
C THR A 367 -25.42 -31.59 16.62
N PRO A 368 -26.21 -32.20 15.71
CA PRO A 368 -25.88 -32.21 14.28
C PRO A 368 -25.66 -30.78 13.75
N GLU A 369 -26.44 -29.82 14.25
CA GLU A 369 -26.33 -28.43 13.81
C GLU A 369 -25.00 -27.80 14.21
N GLN A 370 -24.54 -28.11 15.43
CA GLN A 370 -23.23 -27.65 15.90
C GLN A 370 -22.15 -28.32 15.06
N VAL A 371 -22.17 -29.64 15.03
CA VAL A 371 -21.22 -30.41 14.24
C VAL A 371 -21.12 -29.85 12.83
N VAL A 372 -22.26 -29.64 12.18
CA VAL A 372 -22.29 -29.00 10.88
C VAL A 372 -21.51 -27.68 10.92
N ALA A 373 -21.82 -26.82 11.89
CA ALA A 373 -21.19 -25.51 11.95
C ALA A 373 -19.66 -25.58 12.05
N ILE A 374 -19.15 -26.71 12.54
CA ILE A 374 -17.71 -26.84 12.74
C ILE A 374 -17.05 -27.44 11.52
N ALA A 375 -17.72 -28.41 10.90
CA ALA A 375 -17.23 -29.02 9.68
C ALA A 375 -17.30 -28.05 8.50
N SER A 376 -18.18 -27.05 8.58
CA SER A 376 -18.47 -26.19 7.45
C SER A 376 -17.53 -24.98 7.31
N ASN A 377 -16.24 -25.21 7.53
CA ASN A 377 -15.21 -24.25 7.21
C ASN A 377 -13.99 -24.95 6.63
N SER A 378 -13.16 -24.20 5.91
CA SER A 378 -11.88 -24.71 5.43
C SER A 378 -11.13 -25.39 6.59
N GLY A 379 -10.72 -26.64 6.36
CA GLY A 379 -9.99 -27.40 7.37
C GLY A 379 -10.90 -27.92 8.46
N GLY A 380 -12.17 -28.14 8.13
CA GLY A 380 -13.16 -28.60 9.08
C GLY A 380 -12.68 -29.83 9.84
N LYS A 381 -12.23 -30.84 9.11
CA LYS A 381 -11.65 -32.03 9.72
C LYS A 381 -10.79 -31.69 10.95
N GLN A 382 -9.88 -30.72 10.79
CA GLN A 382 -8.95 -30.34 11.85
C GLN A 382 -9.64 -29.69 13.05
N ALA A 383 -10.77 -29.03 12.83
CA ALA A 383 -11.49 -28.48 13.97
C ALA A 383 -12.32 -29.58 14.69
N LEU A 384 -12.98 -30.42 13.91
CA LEU A 384 -13.70 -31.56 14.46
C LEU A 384 -12.79 -32.42 15.36
N GLU A 385 -11.67 -32.87 14.82
CA GLU A 385 -10.75 -33.69 15.60
C GLU A 385 -10.17 -32.99 16.83
N THR A 386 -10.28 -31.67 16.88
CA THR A 386 -9.71 -30.95 18.02
C THR A 386 -10.78 -30.67 19.07
N VAL A 387 -12.01 -30.50 18.61
CA VAL A 387 -13.12 -30.37 19.54
C VAL A 387 -13.22 -31.67 20.33
N GLN A 388 -13.33 -32.77 19.60
CA GLN A 388 -13.33 -34.11 20.18
C GLN A 388 -12.21 -34.25 21.21
N ARG A 389 -10.99 -33.88 20.82
CA ARG A 389 -9.83 -34.00 21.67
C ARG A 389 -9.84 -33.11 22.91
N LEU A 390 -10.11 -31.82 22.73
CA LEU A 390 -9.85 -30.81 23.77
C LEU A 390 -11.07 -30.25 24.50
N LEU A 391 -12.23 -30.35 23.86
CA LEU A 391 -13.47 -29.91 24.49
C LEU A 391 -13.57 -30.36 25.94
N PRO A 392 -13.24 -31.64 26.21
CA PRO A 392 -13.23 -32.10 27.62
C PRO A 392 -12.34 -31.24 28.51
N VAL A 393 -11.05 -31.10 28.19
CA VAL A 393 -10.17 -30.36 29.10
C VAL A 393 -10.53 -28.89 29.14
N LEU A 394 -10.91 -28.35 27.97
CA LEU A 394 -11.30 -26.94 27.86
C LEU A 394 -12.48 -26.59 28.79
N CYS A 395 -13.43 -27.51 28.90
CA CYS A 395 -14.60 -27.31 29.74
C CYS A 395 -14.29 -27.43 31.23
N GLN A 396 -13.27 -28.22 31.55
CA GLN A 396 -13.10 -28.63 32.93
C GLN A 396 -11.84 -28.04 33.55
N ALA A 397 -10.72 -28.13 32.86
CA ALA A 397 -9.51 -27.48 33.36
C ALA A 397 -9.60 -25.96 33.18
N HIS A 398 -10.33 -25.50 32.17
CA HIS A 398 -10.39 -24.06 31.84
C HIS A 398 -11.74 -23.38 32.05
N GLY A 399 -12.71 -24.14 32.55
CA GLY A 399 -13.97 -23.56 32.95
C GLY A 399 -14.80 -22.96 31.84
N LEU A 400 -14.59 -23.41 30.61
CA LEU A 400 -15.41 -22.97 29.51
C LEU A 400 -16.68 -23.80 29.33
N THR A 401 -17.66 -23.27 28.61
CA THR A 401 -18.84 -24.06 28.27
C THR A 401 -18.60 -24.84 26.98
N PRO A 402 -19.38 -25.91 26.75
CA PRO A 402 -19.30 -26.64 25.48
C PRO A 402 -19.58 -25.70 24.30
N GLU A 403 -20.50 -24.76 24.49
CA GLU A 403 -20.88 -23.84 23.43
C GLU A 403 -19.80 -22.77 23.11
N GLN A 404 -19.10 -22.28 24.12
CA GLN A 404 -17.93 -21.43 23.86
C GLN A 404 -16.89 -22.16 22.98
N VAL A 405 -16.63 -23.42 23.32
CA VAL A 405 -15.71 -24.29 22.58
C VAL A 405 -16.20 -24.49 21.13
N VAL A 406 -17.51 -24.63 20.95
CA VAL A 406 -18.06 -24.74 19.60
C VAL A 406 -17.85 -23.45 18.80
N ALA A 407 -17.95 -22.31 19.48
CA ALA A 407 -17.81 -21.02 18.79
C ALA A 407 -16.37 -20.81 18.33
N ILE A 408 -15.41 -21.23 19.15
CA ILE A 408 -14.01 -21.06 18.79
C ILE A 408 -13.63 -22.02 17.66
N ALA A 409 -14.32 -23.16 17.61
CA ALA A 409 -14.08 -24.14 16.56
C ALA A 409 -14.77 -23.76 15.24
N SER A 410 -15.79 -22.90 15.31
CA SER A 410 -16.64 -22.63 14.14
C SER A 410 -16.08 -21.58 13.16
N ASN A 411 -14.77 -21.33 13.18
CA ASN A 411 -14.14 -20.49 12.15
C ASN A 411 -13.00 -21.22 11.43
N ASN A 412 -12.54 -20.67 10.30
CA ASN A 412 -11.32 -21.15 9.66
C ASN A 412 -10.17 -21.15 10.68
N GLY A 413 -9.39 -22.23 10.72
CA GLY A 413 -8.32 -22.36 11.70
C GLY A 413 -8.85 -22.62 13.11
N GLY A 414 -10.06 -23.16 13.19
CA GLY A 414 -10.64 -23.58 14.46
C GLY A 414 -9.68 -24.45 15.28
N LYS A 415 -9.00 -25.37 14.60
CA LYS A 415 -8.01 -26.19 15.31
C LYS A 415 -6.94 -25.33 15.95
N GLN A 416 -6.48 -24.30 15.24
CA GLN A 416 -5.42 -23.46 15.74
C GLN A 416 -5.94 -22.52 16.83
N ALA A 417 -7.19 -22.09 16.67
CA ALA A 417 -7.83 -21.22 17.65
C ALA A 417 -8.07 -21.96 18.96
N LEU A 418 -8.50 -23.22 18.88
CA LEU A 418 -8.70 -24.05 20.08
C LEU A 418 -7.38 -24.28 20.83
N GLU A 419 -6.36 -24.80 20.13
CA GLU A 419 -5.07 -25.09 20.77
C GLU A 419 -4.43 -23.85 21.41
N THR A 420 -4.66 -22.68 20.81
CA THR A 420 -4.07 -21.45 21.32
C THR A 420 -4.76 -21.02 22.63
N VAL A 421 -6.07 -21.22 22.71
CA VAL A 421 -6.79 -20.90 23.93
C VAL A 421 -6.31 -21.78 25.09
N GLN A 422 -6.13 -23.07 24.82
CA GLN A 422 -5.65 -24.00 25.85
C GLN A 422 -4.23 -23.66 26.26
N ARG A 423 -3.60 -22.76 25.50
CA ARG A 423 -2.21 -22.39 25.76
C ARG A 423 -2.10 -21.03 26.44
N LEU A 424 -2.92 -20.08 26.03
CA LEU A 424 -2.81 -18.72 26.52
C LEU A 424 -3.87 -18.35 27.57
N LEU A 425 -5.07 -18.92 27.44
CA LEU A 425 -6.15 -18.60 28.38
C LEU A 425 -5.66 -18.45 29.83
N PRO A 426 -4.79 -19.36 30.28
CA PRO A 426 -4.19 -19.27 31.63
C PRO A 426 -3.49 -17.92 31.88
N VAL A 427 -2.43 -17.62 31.13
CA VAL A 427 -1.70 -16.36 31.36
C VAL A 427 -2.56 -15.10 31.22
N LEU A 428 -3.54 -15.12 30.31
CA LEU A 428 -4.30 -13.91 29.99
C LEU A 428 -5.25 -13.51 31.09
N CYS A 429 -5.86 -14.50 31.72
CA CYS A 429 -6.69 -14.29 32.91
C CYS A 429 -5.84 -14.12 34.20
N GLN A 430 -4.80 -14.92 34.34
CA GLN A 430 -3.95 -14.89 35.52
C GLN A 430 -3.03 -13.67 35.53
N ALA A 431 -2.12 -13.60 34.57
CA ALA A 431 -1.14 -12.53 34.51
C ALA A 431 -1.75 -11.15 34.26
N HIS A 432 -2.42 -11.01 33.12
CA HIS A 432 -2.97 -9.73 32.73
C HIS A 432 -4.44 -9.61 33.07
N GLY A 433 -4.92 -10.51 33.91
CA GLY A 433 -6.30 -10.47 34.36
C GLY A 433 -7.30 -10.12 33.27
N LEU A 434 -7.48 -11.03 32.33
CA LEU A 434 -8.45 -10.85 31.26
C LEU A 434 -9.58 -11.85 31.43
N THR A 435 -10.83 -11.37 31.31
CA THR A 435 -11.98 -12.26 31.43
C THR A 435 -12.01 -13.26 30.27
N PRO A 436 -12.27 -14.52 30.59
CA PRO A 436 -12.31 -15.56 29.57
C PRO A 436 -13.35 -15.22 28.49
N GLN A 437 -14.30 -14.34 28.81
CA GLN A 437 -15.31 -13.93 27.85
C GLN A 437 -14.67 -13.13 26.72
N GLN A 438 -13.64 -12.36 27.09
CA GLN A 438 -12.85 -11.58 26.15
C GLN A 438 -11.96 -12.46 25.29
N VAL A 439 -11.25 -13.38 25.93
CA VAL A 439 -10.34 -14.30 25.25
C VAL A 439 -11.11 -15.16 24.28
N VAL A 440 -12.25 -15.68 24.75
CA VAL A 440 -13.17 -16.39 23.87
C VAL A 440 -13.54 -15.57 22.63
N ALA A 441 -13.87 -14.28 22.82
CA ALA A 441 -14.31 -13.46 21.70
C ALA A 441 -13.17 -13.09 20.74
N ILE A 442 -11.95 -13.02 21.25
CA ILE A 442 -10.82 -12.72 20.37
C ILE A 442 -10.49 -13.93 19.50
N ALA A 443 -10.82 -15.10 20.02
CA ALA A 443 -10.50 -16.34 19.33
C ALA A 443 -11.69 -16.80 18.51
N SER A 444 -12.84 -16.17 18.72
CA SER A 444 -14.07 -16.60 18.07
C SER A 444 -14.19 -16.01 16.67
N ASN A 445 -13.04 -15.68 16.11
CA ASN A 445 -12.97 -15.19 14.74
C ASN A 445 -11.91 -15.93 13.97
N SER A 446 -12.02 -15.87 12.63
CA SER A 446 -10.94 -16.29 11.75
C SER A 446 -9.67 -15.50 12.12
N GLY A 447 -8.53 -16.18 12.23
CA GLY A 447 -7.31 -15.51 12.64
C GLY A 447 -7.26 -15.38 14.15
N GLY A 448 -8.10 -16.16 14.82
CA GLY A 448 -8.10 -16.25 16.28
C GLY A 448 -6.75 -16.59 16.91
N ARG A 449 -5.97 -17.42 16.22
CA ARG A 449 -4.66 -17.81 16.73
C ARG A 449 -3.69 -16.63 16.82
N PRO A 450 -3.39 -16.02 15.67
CA PRO A 450 -2.44 -14.90 15.62
C PRO A 450 -2.91 -13.69 16.43
N ALA A 451 -4.21 -13.43 16.45
CA ALA A 451 -4.75 -12.31 17.23
C ALA A 451 -4.55 -12.51 18.74
N LEU A 452 -4.65 -13.75 19.20
CA LEU A 452 -4.37 -14.06 20.60
C LEU A 452 -2.89 -13.98 20.89
N GLU A 453 -2.06 -14.39 19.92
CA GLU A 453 -0.62 -14.25 20.07
C GLU A 453 -0.19 -12.78 20.07
N SER A 454 -0.86 -11.97 19.26
CA SER A 454 -0.47 -10.57 19.10
C SER A 454 -0.79 -9.80 20.36
N ILE A 455 -1.95 -10.13 20.92
CA ILE A 455 -2.44 -9.41 22.08
C ILE A 455 -1.64 -9.79 23.31
N VAL A 456 -1.16 -11.02 23.34
CA VAL A 456 -0.36 -11.46 24.48
C VAL A 456 1.08 -10.96 24.37
N ALA A 457 1.56 -10.74 23.16
CA ALA A 457 2.86 -10.08 22.98
C ALA A 457 2.82 -8.71 23.64
N GLN A 458 1.79 -7.94 23.31
CA GLN A 458 1.61 -6.60 23.85
C GLN A 458 1.51 -6.56 25.37
N LEU A 459 0.65 -7.38 25.95
CA LEU A 459 0.46 -7.36 27.40
C LEU A 459 1.70 -7.88 28.12
N SER A 460 2.62 -8.45 27.35
CA SER A 460 3.88 -8.94 27.87
C SER A 460 4.93 -7.84 27.76
N ARG A 461 5.31 -7.48 26.54
CA ARG A 461 6.25 -6.38 26.33
C ARG A 461 5.54 -5.24 25.62
N PRO A 462 4.87 -4.36 26.38
CA PRO A 462 4.14 -3.26 25.75
C PRO A 462 5.03 -2.38 24.87
N ASP A 463 4.60 -2.17 23.62
CA ASP A 463 5.19 -1.15 22.79
C ASP A 463 4.56 0.18 23.17
N PRO A 464 5.40 1.21 23.41
CA PRO A 464 4.86 2.55 23.69
C PRO A 464 4.01 3.07 22.53
N ALA A 465 4.11 2.41 21.37
CA ALA A 465 3.36 2.82 20.19
C ALA A 465 1.84 2.64 20.35
N LEU A 466 1.44 1.76 21.28
CA LEU A 466 0.03 1.46 21.51
C LEU A 466 -0.53 2.05 22.81
N ALA A 467 0.26 2.90 23.46
CA ALA A 467 -0.10 3.48 24.77
C ALA A 467 -1.52 4.05 24.87
N ALA A 468 -1.92 4.89 23.90
CA ALA A 468 -3.23 5.52 23.94
C ALA A 468 -4.38 4.51 24.00
N LEU A 469 -4.09 3.28 23.59
CA LEU A 469 -5.07 2.21 23.64
C LEU A 469 -5.02 1.45 24.96
N THR A 470 -6.09 1.57 25.75
CA THR A 470 -6.22 0.72 26.92
C THR A 470 -6.39 -0.73 26.49
N ASN A 471 -6.23 -1.62 27.45
CA ASN A 471 -6.36 -3.04 27.20
C ASN A 471 -7.77 -3.41 26.70
N ASP A 472 -8.80 -2.72 27.19
CA ASP A 472 -10.15 -2.99 26.71
C ASP A 472 -10.31 -2.55 25.25
N HIS A 473 -9.43 -1.65 24.82
CA HIS A 473 -9.42 -1.21 23.43
C HIS A 473 -8.70 -2.24 22.56
N LEU A 474 -7.55 -2.71 23.05
CA LEU A 474 -6.78 -3.73 22.34
C LEU A 474 -7.66 -4.94 22.08
N VAL A 475 -8.51 -5.27 23.04
CA VAL A 475 -9.42 -6.41 22.90
C VAL A 475 -10.44 -6.15 21.80
N ALA A 476 -10.96 -4.92 21.76
CA ALA A 476 -11.92 -4.53 20.73
C ALA A 476 -11.29 -4.62 19.35
N LEU A 477 -10.07 -4.09 19.24
CA LEU A 477 -9.34 -4.12 17.99
C LEU A 477 -9.11 -5.57 17.54
N ALA A 478 -8.57 -6.37 18.44
CA ALA A 478 -8.32 -7.79 18.17
C ALA A 478 -9.60 -8.46 17.70
N CYS A 479 -10.72 -8.12 18.31
CA CYS A 479 -12.02 -8.66 17.90
C CYS A 479 -12.48 -8.09 16.57
N LEU A 480 -12.24 -6.79 16.36
CA LEU A 480 -12.67 -6.12 15.14
C LEU A 480 -11.92 -6.63 13.90
N GLY A 481 -10.59 -6.76 14.00
CA GLY A 481 -9.79 -7.14 12.87
C GLY A 481 -8.58 -8.00 13.19
N GLY A 482 -8.45 -8.40 14.44
CA GLY A 482 -7.37 -9.30 14.85
C GLY A 482 -5.97 -8.76 14.66
N ARG A 483 -5.06 -9.64 14.26
CA ARG A 483 -3.65 -9.29 14.11
C ARG A 483 -3.43 -8.09 13.20
N PRO A 484 -3.92 -8.16 11.97
CA PRO A 484 -3.78 -7.05 11.03
C PRO A 484 -4.24 -5.73 11.64
N ALA A 485 -5.30 -5.77 12.46
CA ALA A 485 -5.76 -4.55 13.11
C ALA A 485 -4.73 -4.06 14.14
N LEU A 486 -4.04 -4.96 14.82
CA LEU A 486 -3.02 -4.53 15.79
C LEU A 486 -1.75 -4.08 15.09
N ASP A 487 -1.38 -4.79 14.04
CA ASP A 487 -0.15 -4.49 13.30
C ASP A 487 -0.25 -3.19 12.51
N ALA A 488 -1.45 -2.88 12.04
CA ALA A 488 -1.64 -1.66 11.25
C ALA A 488 -1.79 -0.41 12.14
N VAL A 489 -2.30 -0.58 13.35
CA VAL A 489 -2.37 0.52 14.32
C VAL A 489 -0.95 0.89 14.81
N LYS A 490 -0.08 -0.12 14.88
CA LYS A 490 1.32 0.05 15.24
C LYS A 490 2.02 0.85 14.14
N LYS A 491 1.77 0.46 12.89
CA LYS A 491 2.36 1.12 11.71
C LYS A 491 2.15 2.65 11.69
N LEU A 492 0.93 3.09 12.00
CA LEU A 492 0.60 4.50 12.00
C LEU A 492 1.06 5.18 13.28
N GLU A 493 2.24 4.82 13.76
CA GLU A 493 2.79 5.42 14.97
C GLU A 493 2.31 4.70 16.22
N MET D 1 0.60 40.57 -16.91
CA MET D 1 -0.02 41.88 -16.73
C MET D 1 0.83 42.98 -17.38
N GLN D 2 0.16 43.93 -18.02
CA GLN D 2 0.83 44.98 -18.76
C GLN D 2 0.19 46.34 -18.49
N TRP D 3 0.99 47.29 -18.02
CA TRP D 3 0.48 48.59 -17.68
C TRP D 3 1.41 49.69 -18.10
N SER D 4 0.82 50.84 -18.42
CA SER D 4 1.59 52.01 -18.82
C SER D 4 0.79 53.26 -18.48
N GLY D 5 1.39 54.15 -17.70
CA GLY D 5 0.72 55.37 -17.29
C GLY D 5 0.13 55.26 -15.90
N ALA D 6 -0.89 56.07 -15.62
CA ALA D 6 -1.49 56.10 -14.30
C ALA D 6 -2.84 55.39 -14.25
N ARG D 7 -3.31 54.91 -15.40
CA ARG D 7 -4.60 54.21 -15.43
C ARG D 7 -4.75 53.19 -14.30
N ALA D 8 -3.73 52.38 -14.06
CA ALA D 8 -3.82 51.33 -13.04
C ALA D 8 -3.94 51.86 -11.59
N LEU D 9 -3.03 52.75 -11.18
CA LEU D 9 -3.09 53.32 -9.83
C LEU D 9 -4.42 54.01 -9.63
N GLU D 10 -4.87 54.68 -10.69
CA GLU D 10 -6.11 55.44 -10.68
C GLU D 10 -7.30 54.56 -10.38
N ALA D 11 -7.53 53.56 -11.23
CA ALA D 11 -8.66 52.67 -11.03
C ALA D 11 -8.66 52.12 -9.58
N LEU D 12 -7.50 51.70 -9.10
CA LEU D 12 -7.40 51.18 -7.74
C LEU D 12 -7.83 52.20 -6.68
N LEU D 13 -7.44 53.45 -6.87
CA LEU D 13 -7.82 54.50 -5.91
C LEU D 13 -9.32 54.78 -6.01
N THR D 14 -9.81 54.83 -7.24
CA THR D 14 -11.22 55.10 -7.50
C THR D 14 -12.12 54.12 -6.77
N VAL D 15 -11.71 52.85 -6.75
CA VAL D 15 -12.59 51.78 -6.27
C VAL D 15 -12.10 51.10 -5.00
N ALA D 16 -10.89 51.44 -4.56
CA ALA D 16 -10.33 50.84 -3.35
C ALA D 16 -11.36 50.81 -2.23
N GLY D 17 -11.93 51.97 -1.91
CA GLY D 17 -12.89 52.10 -0.83
C GLY D 17 -14.07 51.17 -0.93
N GLU D 18 -14.77 51.20 -2.06
CA GLU D 18 -15.96 50.39 -2.25
C GLU D 18 -15.70 48.89 -2.12
N LEU D 19 -14.54 48.45 -2.61
CA LEU D 19 -14.18 47.03 -2.56
C LEU D 19 -13.76 46.61 -1.15
N ARG D 20 -13.22 47.55 -0.39
CA ARG D 20 -12.77 47.28 0.97
C ARG D 20 -13.96 46.99 1.88
N GLY D 21 -15.13 47.48 1.46
CA GLY D 21 -16.38 47.24 2.15
C GLY D 21 -17.11 46.02 1.61
N PRO D 22 -18.42 45.91 1.91
CA PRO D 22 -19.24 44.78 1.46
C PRO D 22 -19.58 44.91 -0.02
N PRO D 23 -19.86 43.79 -0.69
CA PRO D 23 -19.96 42.46 -0.08
C PRO D 23 -18.67 41.65 -0.13
N LEU D 24 -17.55 42.33 -0.35
CA LEU D 24 -16.27 41.65 -0.50
C LEU D 24 -15.33 41.93 0.67
N GLN D 25 -15.48 43.11 1.27
CA GLN D 25 -14.63 43.50 2.39
C GLN D 25 -13.18 43.10 2.12
N LEU D 26 -12.73 43.29 0.89
CA LEU D 26 -11.38 42.95 0.49
C LEU D 26 -10.35 43.76 1.27
N ASP D 27 -9.18 43.17 1.50
CA ASP D 27 -8.12 43.85 2.25
C ASP D 27 -6.98 44.30 1.32
N THR D 28 -6.04 45.07 1.85
CA THR D 28 -4.96 45.61 1.04
C THR D 28 -4.31 44.59 0.12
N GLY D 29 -3.74 43.54 0.71
CA GLY D 29 -2.99 42.54 -0.03
C GLY D 29 -3.79 41.88 -1.15
N GLN D 30 -5.10 41.75 -0.94
CA GLN D 30 -5.95 41.20 -1.97
C GLN D 30 -6.06 42.21 -3.12
N LEU D 31 -6.31 43.46 -2.77
CA LEU D 31 -6.42 44.50 -3.78
C LEU D 31 -5.15 44.51 -4.64
N LEU D 32 -4.00 44.38 -3.97
CA LEU D 32 -2.71 44.43 -4.67
C LEU D 32 -2.55 43.26 -5.64
N LYS D 33 -3.01 42.08 -5.23
CA LYS D 33 -2.92 40.86 -6.05
C LYS D 33 -3.76 40.93 -7.35
N ILE D 34 -5.01 41.38 -7.23
CA ILE D 34 -5.82 41.54 -8.44
C ILE D 34 -5.16 42.52 -9.39
N ALA D 35 -4.78 43.70 -8.90
CA ALA D 35 -4.15 44.70 -9.75
C ALA D 35 -2.87 44.15 -10.38
N LYS D 36 -2.10 43.38 -9.62
CA LYS D 36 -0.85 42.83 -10.13
C LYS D 36 -1.06 41.77 -11.20
N ARG D 37 -1.97 40.85 -10.93
CA ARG D 37 -2.17 39.68 -11.77
C ARG D 37 -3.30 39.85 -12.77
N GLY D 38 -4.49 40.19 -12.27
CA GLY D 38 -5.63 40.38 -13.13
C GLY D 38 -5.66 41.75 -13.82
N GLY D 39 -4.89 42.70 -13.30
CA GLY D 39 -4.72 43.98 -13.97
C GLY D 39 -5.93 44.91 -13.86
N VAL D 40 -5.86 46.07 -14.50
CA VAL D 40 -6.88 47.10 -14.31
C VAL D 40 -8.25 46.64 -14.77
N THR D 41 -8.30 45.92 -15.90
CA THR D 41 -9.56 45.28 -16.33
C THR D 41 -10.17 44.41 -15.22
N ALA D 42 -9.34 43.62 -14.52
CA ALA D 42 -9.84 42.76 -13.44
C ALA D 42 -10.29 43.61 -12.26
N VAL D 43 -9.40 44.47 -11.79
CA VAL D 43 -9.75 45.40 -10.74
C VAL D 43 -11.14 46.00 -11.01
N GLU D 44 -11.33 46.59 -12.19
CA GLU D 44 -12.59 47.28 -12.48
C GLU D 44 -13.80 46.34 -12.54
N ALA D 45 -13.59 45.16 -13.12
CA ALA D 45 -14.66 44.17 -13.28
C ALA D 45 -15.08 43.56 -11.94
N VAL D 46 -14.12 43.31 -11.06
CA VAL D 46 -14.44 42.85 -9.72
C VAL D 46 -15.40 43.82 -9.04
N HIS D 47 -14.98 45.09 -8.96
CA HIS D 47 -15.83 46.14 -8.42
C HIS D 47 -17.23 46.20 -9.07
N ALA D 48 -17.30 46.05 -10.39
CA ALA D 48 -18.60 46.15 -11.06
C ALA D 48 -19.54 44.98 -10.72
N TRP D 49 -18.98 43.77 -10.81
CA TRP D 49 -19.74 42.53 -10.62
C TRP D 49 -19.74 42.08 -9.17
N ARG D 50 -19.18 42.94 -8.31
CA ARG D 50 -19.23 42.84 -6.85
C ARG D 50 -20.42 42.03 -6.34
N ASN D 51 -21.63 42.52 -6.60
CA ASN D 51 -22.84 41.91 -6.06
C ASN D 51 -23.19 40.57 -6.69
N ALA D 52 -23.19 40.52 -8.02
CA ALA D 52 -23.64 39.34 -8.74
C ALA D 52 -22.84 38.06 -8.46
N LEU D 53 -21.55 38.20 -8.17
CA LEU D 53 -20.70 37.03 -7.93
C LEU D 53 -20.94 36.46 -6.54
N THR D 54 -21.26 37.33 -5.59
CA THR D 54 -21.43 36.93 -4.20
C THR D 54 -22.87 36.53 -3.85
N GLY D 55 -23.77 36.64 -4.82
CA GLY D 55 -25.16 36.28 -4.59
C GLY D 55 -25.68 35.27 -5.58
N ALA D 56 -26.75 34.57 -5.19
CA ALA D 56 -27.30 33.46 -5.99
C ALA D 56 -27.43 33.81 -7.47
N PRO D 57 -27.17 32.85 -8.36
CA PRO D 57 -27.01 31.43 -8.04
C PRO D 57 -25.60 31.06 -7.62
N LEU D 58 -24.66 32.01 -7.71
CA LEU D 58 -23.23 31.70 -7.59
C LEU D 58 -22.69 31.64 -6.15
N ASN D 59 -23.02 32.63 -5.34
CA ASN D 59 -22.60 32.58 -3.94
C ASN D 59 -21.10 32.31 -3.79
N LEU D 60 -20.30 32.97 -4.61
CA LEU D 60 -18.85 32.85 -4.50
C LEU D 60 -18.37 33.64 -3.29
N THR D 61 -17.42 33.07 -2.56
CA THR D 61 -16.81 33.77 -1.43
C THR D 61 -15.87 34.87 -1.95
N PRO D 62 -15.63 35.89 -1.14
CA PRO D 62 -14.66 36.88 -1.61
C PRO D 62 -13.36 36.19 -2.04
N GLU D 63 -12.93 35.18 -1.30
CA GLU D 63 -11.68 34.49 -1.60
C GLU D 63 -11.71 33.87 -2.99
N GLN D 64 -12.83 33.26 -3.33
CA GLN D 64 -12.98 32.67 -4.65
C GLN D 64 -12.91 33.76 -5.71
N VAL D 65 -13.55 34.90 -5.46
CA VAL D 65 -13.54 35.99 -6.42
C VAL D 65 -12.11 36.48 -6.68
N VAL D 66 -11.30 36.51 -5.61
CA VAL D 66 -9.92 36.91 -5.71
C VAL D 66 -9.12 35.96 -6.56
N ALA D 67 -9.38 34.67 -6.41
CA ALA D 67 -8.57 33.64 -7.07
C ALA D 67 -8.87 33.63 -8.56
N ILE D 68 -10.11 33.93 -8.89
CA ILE D 68 -10.50 33.92 -10.29
C ILE D 68 -10.02 35.20 -10.93
N ALA D 69 -10.12 36.30 -10.20
CA ALA D 69 -9.73 37.60 -10.75
C ALA D 69 -8.23 37.68 -10.98
N SER D 70 -7.45 37.02 -10.13
CA SER D 70 -6.00 37.27 -10.09
C SER D 70 -5.17 36.47 -11.12
N HIS D 71 -5.47 36.69 -12.39
CA HIS D 71 -4.73 36.08 -13.50
C HIS D 71 -4.87 36.95 -14.76
N ASP D 72 -3.95 36.82 -15.72
CA ASP D 72 -4.21 37.44 -17.03
C ASP D 72 -5.54 36.92 -17.55
N GLY D 73 -6.41 37.81 -18.01
CA GLY D 73 -7.70 37.40 -18.51
C GLY D 73 -8.70 37.31 -17.37
N GLY D 74 -8.21 37.51 -16.15
CA GLY D 74 -9.07 37.55 -14.98
C GLY D 74 -10.50 37.98 -15.30
N LYS D 75 -10.64 39.05 -16.07
CA LYS D 75 -11.97 39.59 -16.37
C LYS D 75 -12.86 38.64 -17.17
N GLN D 76 -12.28 37.98 -18.17
CA GLN D 76 -13.04 37.06 -18.99
C GLN D 76 -13.51 35.87 -18.12
N ALA D 77 -12.60 35.38 -17.28
CA ALA D 77 -12.91 34.26 -16.40
C ALA D 77 -14.08 34.58 -15.47
N LEU D 78 -14.08 35.77 -14.89
CA LEU D 78 -15.15 36.18 -13.99
C LEU D 78 -16.46 36.16 -14.76
N GLU D 79 -16.49 36.82 -15.90
CA GLU D 79 -17.72 36.92 -16.67
C GLU D 79 -18.17 35.53 -17.13
N THR D 80 -17.21 34.65 -17.42
CA THR D 80 -17.54 33.31 -17.90
C THR D 80 -18.12 32.38 -16.82
N VAL D 81 -17.59 32.41 -15.60
CA VAL D 81 -18.16 31.54 -14.58
C VAL D 81 -19.57 31.97 -14.20
N GLN D 82 -19.93 33.20 -14.55
CA GLN D 82 -21.27 33.70 -14.24
C GLN D 82 -22.27 32.92 -15.08
N ARG D 83 -21.93 32.71 -16.34
CA ARG D 83 -22.73 31.98 -17.31
C ARG D 83 -22.63 30.46 -17.12
N LEU D 84 -21.40 29.96 -17.10
CA LEU D 84 -21.15 28.53 -17.24
C LEU D 84 -21.16 27.73 -15.93
N LEU D 85 -21.01 28.39 -14.80
CA LEU D 85 -20.97 27.65 -13.54
C LEU D 85 -22.20 26.74 -13.32
N PRO D 86 -23.42 27.29 -13.45
CA PRO D 86 -24.61 26.46 -13.22
C PRO D 86 -24.78 25.39 -14.32
N VAL D 87 -24.40 25.75 -15.54
CA VAL D 87 -24.45 24.83 -16.67
C VAL D 87 -23.53 23.63 -16.46
N LEU D 88 -22.30 23.91 -16.02
CA LEU D 88 -21.30 22.88 -15.81
C LEU D 88 -21.70 21.96 -14.67
N CYS D 89 -22.24 22.55 -13.60
CA CYS D 89 -22.66 21.75 -12.47
C CYS D 89 -23.83 20.83 -12.85
N GLN D 90 -24.88 21.41 -13.41
CA GLN D 90 -26.06 20.68 -13.84
C GLN D 90 -25.85 19.64 -14.94
N ALA D 91 -24.95 19.91 -15.87
CA ALA D 91 -24.83 19.07 -17.06
C ALA D 91 -23.80 17.95 -16.91
N HIS D 92 -22.80 18.19 -16.06
CA HIS D 92 -21.65 17.29 -16.00
C HIS D 92 -21.30 16.91 -14.58
N GLY D 93 -22.15 17.31 -13.64
CA GLY D 93 -22.01 16.89 -12.26
C GLY D 93 -20.96 17.64 -11.44
N LEU D 94 -20.27 18.59 -12.06
CA LEU D 94 -19.25 19.36 -11.36
C LEU D 94 -19.79 20.03 -10.10
N THR D 95 -18.91 20.23 -9.13
CA THR D 95 -19.22 21.05 -7.97
C THR D 95 -18.80 22.49 -8.25
N PRO D 96 -19.48 23.46 -7.62
CA PRO D 96 -19.03 24.86 -7.68
C PRO D 96 -17.51 25.00 -7.49
N GLN D 97 -16.93 24.29 -6.53
CA GLN D 97 -15.50 24.39 -6.28
C GLN D 97 -14.64 23.92 -7.45
N GLN D 98 -15.15 22.94 -8.21
CA GLN D 98 -14.45 22.38 -9.35
C GLN D 98 -14.49 23.37 -10.50
N VAL D 99 -15.56 24.15 -10.54
CA VAL D 99 -15.74 25.15 -11.56
C VAL D 99 -14.80 26.30 -11.28
N VAL D 100 -14.83 26.82 -10.05
CA VAL D 100 -13.88 27.83 -9.58
C VAL D 100 -12.41 27.41 -9.79
N ALA D 101 -12.10 26.13 -9.62
CA ALA D 101 -10.73 25.65 -9.80
C ALA D 101 -10.28 25.82 -11.24
N ILE D 102 -11.12 25.37 -12.17
CA ILE D 102 -10.85 25.52 -13.60
C ILE D 102 -10.69 27.00 -14.00
N ALA D 103 -11.53 27.87 -13.43
CA ALA D 103 -11.53 29.27 -13.80
C ALA D 103 -10.32 30.02 -13.24
N SER D 104 -9.61 29.41 -12.28
CA SER D 104 -8.55 30.12 -11.57
C SER D 104 -7.16 30.00 -12.18
N HIS D 105 -7.10 30.02 -13.51
CA HIS D 105 -5.81 30.06 -14.20
C HIS D 105 -5.86 30.90 -15.44
N ASP D 106 -4.72 31.50 -15.79
CA ASP D 106 -4.62 32.27 -17.04
C ASP D 106 -5.29 31.46 -18.12
N GLY D 107 -6.39 31.98 -18.68
CA GLY D 107 -7.08 31.30 -19.77
C GLY D 107 -8.35 30.65 -19.26
N GLY D 108 -8.66 30.93 -17.99
CA GLY D 108 -9.88 30.41 -17.35
C GLY D 108 -11.03 30.37 -18.32
N LYS D 109 -11.42 31.52 -18.86
CA LYS D 109 -12.47 31.57 -19.84
C LYS D 109 -12.38 30.39 -20.81
N GLN D 110 -11.21 30.20 -21.42
CA GLN D 110 -11.03 29.21 -22.48
C GLN D 110 -11.08 27.76 -21.98
N ALA D 111 -10.55 27.54 -20.79
CA ALA D 111 -10.63 26.20 -20.21
C ALA D 111 -12.10 25.82 -19.93
N LEU D 112 -12.88 26.76 -19.40
CA LEU D 112 -14.30 26.49 -19.13
C LEU D 112 -15.06 26.06 -20.38
N GLU D 113 -15.02 26.92 -21.39
CA GLU D 113 -15.71 26.62 -22.62
C GLU D 113 -15.25 25.28 -23.18
N THR D 114 -13.97 24.96 -23.02
CA THR D 114 -13.48 23.69 -23.55
C THR D 114 -13.95 22.48 -22.73
N VAL D 115 -14.08 22.65 -21.41
CA VAL D 115 -14.64 21.59 -20.57
C VAL D 115 -16.10 21.35 -20.93
N GLN D 116 -16.86 22.43 -21.11
CA GLN D 116 -18.27 22.32 -21.42
C GLN D 116 -18.54 21.54 -22.70
N ARG D 117 -17.60 21.58 -23.64
CA ARG D 117 -17.81 20.96 -24.94
C ARG D 117 -16.91 19.76 -25.21
N LEU D 118 -16.13 19.35 -24.22
CA LEU D 118 -15.18 18.25 -24.42
C LEU D 118 -15.28 17.18 -23.33
N LEU D 119 -15.87 17.53 -22.20
CA LEU D 119 -15.96 16.61 -21.07
C LEU D 119 -16.72 15.32 -21.37
N PRO D 120 -17.88 15.43 -22.06
CA PRO D 120 -18.63 14.22 -22.45
C PRO D 120 -17.81 13.25 -23.30
N VAL D 121 -17.26 13.74 -24.41
CA VAL D 121 -16.49 12.91 -25.32
C VAL D 121 -15.25 12.33 -24.66
N LEU D 122 -14.69 13.07 -23.70
CA LEU D 122 -13.50 12.65 -22.98
C LEU D 122 -13.82 11.54 -21.99
N CYS D 123 -14.97 11.65 -21.33
CA CYS D 123 -15.40 10.65 -20.36
C CYS D 123 -16.00 9.43 -21.04
N GLN D 124 -16.61 9.65 -22.20
CA GLN D 124 -17.28 8.59 -22.94
C GLN D 124 -16.34 7.74 -23.77
N ALA D 125 -15.72 8.36 -24.77
CA ALA D 125 -14.87 7.64 -25.72
C ALA D 125 -13.46 7.39 -25.20
N HIS D 126 -13.14 7.90 -24.02
CA HIS D 126 -11.81 7.75 -23.47
C HIS D 126 -11.81 7.29 -22.04
N GLY D 127 -12.95 6.80 -21.58
CA GLY D 127 -13.06 6.30 -20.23
C GLY D 127 -12.38 7.17 -19.20
N LEU D 128 -12.59 8.48 -19.32
CA LEU D 128 -12.03 9.43 -18.37
C LEU D 128 -13.10 9.93 -17.41
N THR D 129 -12.74 10.04 -16.13
CA THR D 129 -13.65 10.56 -15.13
C THR D 129 -13.62 12.08 -15.17
N PRO D 130 -14.67 12.72 -14.67
CA PRO D 130 -14.68 14.19 -14.63
C PRO D 130 -13.53 14.74 -13.78
N GLU D 131 -13.26 14.13 -12.63
CA GLU D 131 -12.14 14.53 -11.81
C GLU D 131 -10.87 14.72 -12.64
N GLN D 132 -10.63 13.80 -13.57
CA GLN D 132 -9.44 13.86 -14.40
C GLN D 132 -9.53 14.98 -15.42
N VAL D 133 -10.75 15.24 -15.87
CA VAL D 133 -10.97 16.29 -16.84
C VAL D 133 -10.79 17.65 -16.15
N VAL D 134 -11.29 17.74 -14.92
CA VAL D 134 -11.04 18.93 -14.11
C VAL D 134 -9.54 19.13 -13.83
N ALA D 135 -8.78 18.05 -13.63
CA ALA D 135 -7.33 18.18 -13.33
C ALA D 135 -6.56 18.70 -14.54
N ILE D 136 -6.87 18.17 -15.73
CA ILE D 136 -6.25 18.63 -16.96
C ILE D 136 -6.52 20.13 -17.21
N ALA D 137 -7.80 20.50 -17.13
CA ALA D 137 -8.29 21.86 -17.35
C ALA D 137 -7.72 22.94 -16.42
N SER D 138 -7.45 22.57 -15.17
CA SER D 138 -7.08 23.53 -14.12
C SER D 138 -5.60 23.91 -14.13
N ASN D 139 -5.14 24.40 -15.28
CA ASN D 139 -3.81 24.96 -15.40
C ASN D 139 -3.84 26.05 -16.46
N SER D 140 -2.85 26.93 -16.44
CA SER D 140 -2.60 27.82 -17.56
C SER D 140 -2.59 26.99 -18.88
N GLY D 141 -3.39 27.38 -19.86
CA GLY D 141 -3.44 26.66 -21.13
C GLY D 141 -4.33 25.43 -21.10
N GLY D 142 -5.15 25.28 -20.05
CA GLY D 142 -6.01 24.13 -19.91
C GLY D 142 -6.63 23.67 -21.24
N LYS D 143 -7.29 24.60 -21.92
CA LYS D 143 -7.93 24.31 -23.20
C LYS D 143 -7.00 23.53 -24.12
N GLN D 144 -5.77 23.99 -24.26
CA GLN D 144 -4.77 23.32 -25.09
C GLN D 144 -4.54 21.89 -24.65
N ALA D 145 -4.35 21.70 -23.35
CA ALA D 145 -4.13 20.37 -22.77
C ALA D 145 -5.33 19.43 -22.99
N LEU D 146 -6.55 19.93 -22.80
CA LEU D 146 -7.73 19.12 -23.05
C LEU D 146 -7.81 18.65 -24.52
N GLU D 147 -7.61 19.58 -25.46
CA GLU D 147 -7.73 19.24 -26.89
C GLU D 147 -6.63 18.29 -27.30
N THR D 148 -5.48 18.38 -26.62
CA THR D 148 -4.36 17.53 -26.96
C THR D 148 -4.54 16.14 -26.35
N VAL D 149 -5.28 16.05 -25.24
CA VAL D 149 -5.57 14.74 -24.65
C VAL D 149 -6.57 14.00 -25.54
N GLN D 150 -7.62 14.68 -25.96
CA GLN D 150 -8.58 14.06 -26.84
C GLN D 150 -7.88 13.58 -28.10
N ALA D 151 -6.96 14.39 -28.62
CA ALA D 151 -6.28 14.06 -29.87
C ALA D 151 -5.26 12.96 -29.70
N LEU D 152 -4.49 13.02 -28.62
CA LEU D 152 -3.31 12.18 -28.51
C LEU D 152 -3.44 10.95 -27.59
N LEU D 153 -4.45 10.95 -26.72
CA LEU D 153 -4.64 9.86 -25.76
C LEU D 153 -4.49 8.48 -26.42
N PRO D 154 -5.26 8.23 -27.51
CA PRO D 154 -5.24 6.87 -28.08
C PRO D 154 -3.83 6.45 -28.48
N VAL D 155 -3.12 7.34 -29.16
CA VAL D 155 -1.85 6.95 -29.74
C VAL D 155 -0.76 6.83 -28.69
N LEU D 156 -0.90 7.57 -27.59
CA LEU D 156 0.08 7.46 -26.50
C LEU D 156 -0.10 6.13 -25.74
N CYS D 157 -1.36 5.71 -25.56
CA CYS D 157 -1.66 4.44 -24.92
C CYS D 157 -1.36 3.25 -25.81
N GLN D 158 -1.71 3.32 -27.09
CA GLN D 158 -1.68 2.15 -27.95
C GLN D 158 -0.36 1.95 -28.72
N ALA D 159 0.32 3.03 -29.05
CA ALA D 159 1.60 2.91 -29.75
C ALA D 159 2.80 3.07 -28.77
N HIS D 160 2.55 3.66 -27.61
CA HIS D 160 3.67 4.04 -26.72
C HIS D 160 3.51 3.35 -25.39
N GLY D 161 2.34 2.76 -25.18
CA GLY D 161 2.17 1.86 -24.07
C GLY D 161 1.86 2.53 -22.74
N LEU D 162 1.57 3.83 -22.76
CA LEU D 162 1.23 4.52 -21.52
C LEU D 162 -0.17 4.16 -21.06
N THR D 163 -0.43 4.34 -19.78
CA THR D 163 -1.81 4.19 -19.27
C THR D 163 -2.55 5.50 -19.44
N PRO D 164 -3.89 5.44 -19.51
CA PRO D 164 -4.60 6.73 -19.53
C PRO D 164 -4.20 7.53 -18.30
N GLU D 165 -3.79 6.87 -17.21
CA GLU D 165 -3.40 7.58 -15.98
C GLU D 165 -2.14 8.40 -16.17
N GLN D 166 -1.12 7.80 -16.80
CA GLN D 166 0.11 8.53 -17.09
C GLN D 166 -0.14 9.71 -18.06
N VAL D 167 -0.93 9.44 -19.11
CA VAL D 167 -1.32 10.49 -20.02
C VAL D 167 -1.96 11.67 -19.26
N VAL D 168 -2.86 11.39 -18.33
CA VAL D 168 -3.47 12.45 -17.52
C VAL D 168 -2.47 13.23 -16.64
N ALA D 169 -1.43 12.55 -16.15
CA ALA D 169 -0.45 13.21 -15.28
C ALA D 169 0.39 14.18 -16.08
N ILE D 170 0.78 13.77 -17.28
CA ILE D 170 1.54 14.63 -18.18
C ILE D 170 0.74 15.88 -18.57
N ALA D 171 -0.52 15.66 -18.90
CA ALA D 171 -1.45 16.73 -19.28
C ALA D 171 -1.66 17.77 -18.18
N SER D 172 -1.58 17.34 -16.93
CA SER D 172 -2.09 18.12 -15.80
C SER D 172 -1.08 19.11 -15.20
N ASN D 173 -0.23 19.65 -16.05
CA ASN D 173 0.63 20.75 -15.69
C ASN D 173 0.53 21.82 -16.74
N SER D 174 1.11 22.98 -16.44
CA SER D 174 1.32 24.06 -17.39
C SER D 174 2.13 23.53 -18.58
N GLY D 175 1.72 23.89 -19.79
CA GLY D 175 2.40 23.39 -20.98
C GLY D 175 2.01 21.94 -21.30
N GLY D 176 0.91 21.49 -20.71
CA GLY D 176 0.39 20.17 -20.98
C GLY D 176 0.44 19.74 -22.44
N LYS D 177 -0.09 20.57 -23.35
CA LYS D 177 -0.06 20.22 -24.78
C LYS D 177 1.37 19.97 -25.24
N GLN D 178 2.29 20.85 -24.82
CA GLN D 178 3.68 20.70 -25.24
C GLN D 178 4.36 19.44 -24.68
N ALA D 179 4.02 19.10 -23.43
CA ALA D 179 4.66 17.93 -22.83
C ALA D 179 4.11 16.65 -23.49
N LEU D 180 2.80 16.60 -23.72
CA LEU D 180 2.19 15.43 -24.40
C LEU D 180 2.83 15.22 -25.75
N GLU D 181 2.84 16.27 -26.55
CA GLU D 181 3.43 16.18 -27.89
C GLU D 181 4.88 15.79 -27.76
N THR D 182 5.57 16.43 -26.82
CA THR D 182 6.97 16.09 -26.62
C THR D 182 7.15 14.62 -26.20
N VAL D 183 6.31 14.15 -25.28
CA VAL D 183 6.38 12.72 -24.94
C VAL D 183 6.16 11.84 -26.18
N GLN D 184 5.19 12.19 -27.01
CA GLN D 184 4.93 11.39 -28.21
C GLN D 184 6.19 11.32 -29.06
N ARG D 185 6.88 12.45 -29.15
CA ARG D 185 8.02 12.53 -30.04
C ARG D 185 9.30 11.84 -29.52
N LEU D 186 9.62 12.06 -28.24
CA LEU D 186 10.91 11.61 -27.68
C LEU D 186 10.85 10.32 -26.86
N LEU D 187 9.64 9.80 -26.59
CA LEU D 187 9.54 8.59 -25.78
C LEU D 187 10.34 7.43 -26.39
N PRO D 188 10.26 7.26 -27.73
CA PRO D 188 11.13 6.27 -28.40
C PRO D 188 12.64 6.50 -28.20
N VAL D 189 13.14 7.66 -28.61
CA VAL D 189 14.55 8.02 -28.52
C VAL D 189 15.11 7.90 -27.09
N LEU D 190 14.52 8.69 -26.18
CA LEU D 190 14.98 8.74 -24.80
C LEU D 190 15.11 7.35 -24.19
N CYS D 191 14.14 6.49 -24.47
CA CYS D 191 14.13 5.14 -23.92
C CYS D 191 15.15 4.21 -24.60
N GLN D 192 15.35 4.41 -25.90
CA GLN D 192 16.20 3.52 -26.69
C GLN D 192 17.67 3.92 -26.71
N ALA D 193 17.95 5.22 -26.74
CA ALA D 193 19.32 5.69 -26.87
C ALA D 193 19.89 6.28 -25.58
N HIS D 194 19.14 6.16 -24.48
CA HIS D 194 19.59 6.73 -23.22
C HIS D 194 19.31 5.83 -22.04
N GLY D 195 18.67 4.70 -22.30
CA GLY D 195 18.41 3.71 -21.27
C GLY D 195 17.33 4.08 -20.27
N LEU D 196 16.56 5.12 -20.58
CA LEU D 196 15.49 5.56 -19.71
C LEU D 196 14.26 4.67 -19.84
N THR D 197 13.48 4.57 -18.78
CA THR D 197 12.24 3.80 -18.80
C THR D 197 11.07 4.76 -19.05
N PRO D 198 9.95 4.22 -19.58
CA PRO D 198 8.79 5.09 -19.81
C PRO D 198 8.35 5.80 -18.54
N GLN D 199 8.41 5.10 -17.41
CA GLN D 199 8.01 5.67 -16.14
C GLN D 199 8.88 6.90 -15.83
N GLN D 200 10.16 6.79 -16.13
CA GLN D 200 11.07 7.90 -15.91
C GLN D 200 10.74 9.06 -16.84
N VAL D 201 10.43 8.75 -18.10
CA VAL D 201 10.04 9.77 -19.04
C VAL D 201 8.74 10.43 -18.56
N VAL D 202 7.81 9.62 -18.06
CA VAL D 202 6.57 10.20 -17.58
C VAL D 202 6.83 11.12 -16.38
N ALA D 203 7.77 10.73 -15.52
CA ALA D 203 8.07 11.48 -14.31
C ALA D 203 8.65 12.86 -14.66
N ILE D 204 9.57 12.85 -15.63
CA ILE D 204 10.16 14.07 -16.18
C ILE D 204 9.13 14.97 -16.87
N ALA D 205 8.25 14.37 -17.67
CA ALA D 205 7.25 15.15 -18.40
C ALA D 205 6.12 15.67 -17.53
N SER D 206 5.97 15.08 -16.34
CA SER D 206 4.86 15.42 -15.46
C SER D 206 5.12 16.62 -14.56
N HIS D 207 5.58 17.72 -15.15
CA HIS D 207 5.82 18.94 -14.41
C HIS D 207 5.69 20.13 -15.31
N ASP D 208 5.45 21.29 -14.72
CA ASP D 208 5.34 22.52 -15.49
C ASP D 208 6.54 22.65 -16.42
N GLY D 209 6.26 22.85 -17.70
CA GLY D 209 7.31 22.95 -18.69
C GLY D 209 8.02 21.63 -18.89
N GLY D 210 7.27 20.54 -18.85
CA GLY D 210 7.81 19.22 -19.03
C GLY D 210 8.52 19.06 -20.36
N LYS D 211 8.14 19.88 -21.33
CA LYS D 211 8.75 19.85 -22.65
C LYS D 211 10.22 20.28 -22.58
N GLN D 212 10.45 21.42 -21.94
CA GLN D 212 11.82 21.92 -21.75
C GLN D 212 12.68 20.90 -20.99
N ALA D 213 12.10 20.30 -19.97
CA ALA D 213 12.82 19.31 -19.20
C ALA D 213 13.13 18.07 -20.06
N LEU D 214 12.13 17.62 -20.82
CA LEU D 214 12.33 16.48 -21.72
C LEU D 214 13.44 16.70 -22.76
N GLU D 215 13.37 17.80 -23.50
CA GLU D 215 14.38 18.08 -24.51
C GLU D 215 15.74 18.32 -23.87
N THR D 216 15.73 18.95 -22.69
CA THR D 216 17.00 19.24 -22.05
C THR D 216 17.67 17.95 -21.59
N VAL D 217 16.86 16.98 -21.15
CA VAL D 217 17.42 15.66 -20.83
C VAL D 217 18.07 15.03 -22.05
N GLN D 218 17.39 15.10 -23.18
CA GLN D 218 17.96 14.59 -24.42
C GLN D 218 19.38 15.10 -24.67
N ARG D 219 19.60 16.41 -24.55
CA ARG D 219 20.93 16.97 -24.86
C ARG D 219 21.95 16.98 -23.70
N LEU D 220 21.49 17.01 -22.46
CA LEU D 220 22.43 17.10 -21.34
C LEU D 220 22.77 15.78 -20.64
N LEU D 221 21.89 14.78 -20.76
CA LEU D 221 22.14 13.52 -20.07
C LEU D 221 23.54 12.97 -20.36
N PRO D 222 23.89 12.81 -21.64
CA PRO D 222 25.18 12.21 -22.02
C PRO D 222 26.38 12.92 -21.39
N VAL D 223 26.40 14.24 -21.47
CA VAL D 223 27.58 14.99 -21.03
C VAL D 223 27.62 15.13 -19.51
N LEU D 224 26.44 15.09 -18.89
CA LEU D 224 26.33 15.05 -17.43
C LEU D 224 26.79 13.71 -16.89
N CYS D 225 26.58 12.65 -17.68
CA CYS D 225 26.99 11.31 -17.29
C CYS D 225 28.40 11.01 -17.77
N GLN D 226 28.60 11.06 -19.08
CA GLN D 226 29.88 10.64 -19.65
C GLN D 226 31.02 11.58 -19.34
N ALA D 227 30.79 12.89 -19.52
CA ALA D 227 31.79 13.90 -19.19
C ALA D 227 31.83 14.24 -17.69
N HIS D 228 30.67 14.54 -17.10
CA HIS D 228 30.62 15.11 -15.74
C HIS D 228 30.51 14.16 -14.54
N GLY D 229 30.37 12.87 -14.79
CA GLY D 229 30.37 11.91 -13.69
C GLY D 229 29.01 11.47 -13.14
N LEU D 230 27.95 12.21 -13.45
CA LEU D 230 26.65 11.90 -12.86
C LEU D 230 26.06 10.59 -13.38
N THR D 231 25.12 10.03 -12.60
CA THR D 231 24.32 8.89 -13.02
C THR D 231 23.03 9.36 -13.71
N PRO D 232 22.52 8.54 -14.64
CA PRO D 232 21.20 8.80 -15.23
C PRO D 232 20.20 9.17 -14.14
N GLN D 233 20.06 8.29 -13.16
CA GLN D 233 19.11 8.45 -12.06
C GLN D 233 19.16 9.83 -11.37
N GLN D 234 20.39 10.31 -11.13
CA GLN D 234 20.59 11.63 -10.51
C GLN D 234 20.14 12.73 -11.46
N VAL D 235 20.36 12.51 -12.76
CA VAL D 235 19.94 13.43 -13.80
C VAL D 235 18.41 13.49 -13.85
N VAL D 236 17.81 12.30 -13.88
CA VAL D 236 16.35 12.17 -13.90
C VAL D 236 15.74 12.83 -12.68
N ALA D 237 16.45 12.75 -11.55
CA ALA D 237 15.98 13.37 -10.31
C ALA D 237 16.01 14.89 -10.40
N ILE D 238 17.06 15.41 -11.03
CA ILE D 238 17.18 16.86 -11.19
C ILE D 238 16.12 17.34 -12.15
N ALA D 239 15.92 16.59 -13.22
CA ALA D 239 14.97 16.94 -14.28
C ALA D 239 13.51 16.88 -13.83
N SER D 240 13.25 16.17 -12.73
CA SER D 240 11.88 15.90 -12.29
C SER D 240 11.33 16.95 -11.34
N ASN D 241 11.33 18.20 -11.79
CA ASN D 241 10.81 19.36 -11.03
C ASN D 241 10.54 20.46 -12.03
N GLY D 242 9.50 21.26 -11.82
CA GLY D 242 9.39 22.53 -12.51
C GLY D 242 10.77 23.18 -12.58
N GLY D 243 11.12 23.68 -13.76
CA GLY D 243 12.41 24.31 -13.98
C GLY D 243 13.55 23.35 -14.29
N GLY D 244 13.25 22.06 -14.31
CA GLY D 244 14.26 21.04 -14.55
C GLY D 244 15.30 21.47 -15.58
N LYS D 245 14.83 22.00 -16.70
CA LYS D 245 15.75 22.46 -17.73
C LYS D 245 16.79 23.45 -17.17
N GLN D 246 16.31 24.45 -16.42
CA GLN D 246 17.20 25.42 -15.76
C GLN D 246 18.17 24.73 -14.80
N ALA D 247 17.63 23.84 -13.96
CA ALA D 247 18.44 23.08 -13.01
C ALA D 247 19.52 22.28 -13.72
N LEU D 248 19.12 21.54 -14.75
CA LEU D 248 20.06 20.74 -15.55
C LEU D 248 21.18 21.60 -16.15
N GLU D 249 20.82 22.69 -16.85
CA GLU D 249 21.84 23.57 -17.44
C GLU D 249 22.82 24.13 -16.37
N THR D 250 22.26 24.56 -15.24
CA THR D 250 23.06 25.14 -14.18
C THR D 250 24.03 24.12 -13.60
N VAL D 251 23.53 22.92 -13.40
CA VAL D 251 24.35 21.84 -12.91
C VAL D 251 25.49 21.53 -13.90
N GLN D 252 25.17 21.50 -15.18
CA GLN D 252 26.15 21.20 -16.21
C GLN D 252 27.32 22.20 -16.19
N ARG D 253 27.02 23.43 -15.78
CA ARG D 253 28.04 24.47 -15.77
C ARG D 253 28.59 24.75 -14.38
N LEU D 254 27.84 24.38 -13.35
CA LEU D 254 28.24 24.68 -11.98
C LEU D 254 28.92 23.50 -11.28
N LEU D 255 28.86 22.32 -11.91
CA LEU D 255 29.48 21.15 -11.32
C LEU D 255 30.99 21.34 -11.19
N PRO D 256 31.70 21.53 -12.32
CA PRO D 256 33.16 21.62 -12.25
C PRO D 256 33.63 22.61 -11.19
N VAL D 257 32.89 23.72 -11.06
CA VAL D 257 33.23 24.77 -10.07
C VAL D 257 33.13 24.25 -8.62
N LEU D 258 31.90 24.26 -8.11
CA LEU D 258 31.59 23.81 -6.77
C LEU D 258 32.28 22.51 -6.35
N CYS D 259 32.44 21.57 -7.28
CA CYS D 259 33.03 20.28 -6.91
C CYS D 259 34.55 20.28 -6.95
N GLN D 260 35.15 21.43 -6.69
CA GLN D 260 36.59 21.57 -6.67
C GLN D 260 37.18 21.01 -5.38
N GLY D 263 34.90 23.41 -1.79
CA GLY D 263 33.61 23.51 -2.43
C GLY D 263 32.70 22.38 -1.97
N LEU D 264 31.88 21.85 -2.88
CA LEU D 264 30.91 20.81 -2.50
C LEU D 264 31.20 19.45 -3.15
N THR D 265 30.45 18.45 -2.71
CA THR D 265 30.42 17.15 -3.37
C THR D 265 29.30 17.09 -4.39
N PRO D 266 29.56 16.40 -5.51
CA PRO D 266 28.60 16.11 -6.58
C PRO D 266 27.21 15.86 -5.99
N GLN D 267 27.16 14.96 -5.02
CA GLN D 267 25.90 14.58 -4.41
C GLN D 267 25.23 15.73 -3.65
N GLN D 268 26.04 16.69 -3.18
CA GLN D 268 25.48 17.85 -2.52
C GLN D 268 24.92 18.78 -3.59
N VAL D 269 25.62 18.84 -4.71
CA VAL D 269 25.19 19.65 -5.83
C VAL D 269 23.81 19.18 -6.28
N VAL D 270 23.69 17.88 -6.47
CA VAL D 270 22.48 17.22 -6.91
C VAL D 270 21.28 17.47 -5.99
N ALA D 271 21.47 17.17 -4.71
CA ALA D 271 20.39 17.34 -3.75
C ALA D 271 19.88 18.79 -3.76
N ILE D 272 20.78 19.74 -3.98
CA ILE D 272 20.38 21.16 -4.04
C ILE D 272 19.62 21.48 -5.34
N ALA D 273 20.03 20.86 -6.44
CA ALA D 273 19.46 21.09 -7.75
C ALA D 273 18.08 20.48 -7.87
N SER D 274 17.85 19.40 -7.14
CA SER D 274 16.68 18.53 -7.31
C SER D 274 15.44 19.05 -6.63
N ASN D 275 15.25 20.36 -6.69
CA ASN D 275 14.09 20.98 -6.08
C ASN D 275 13.47 21.97 -7.07
N SER D 276 12.22 22.35 -6.84
CA SER D 276 11.72 23.55 -7.52
C SER D 276 12.75 24.67 -7.33
N GLY D 277 13.16 25.32 -8.42
CA GLY D 277 14.08 26.46 -8.36
C GLY D 277 15.53 26.08 -8.10
N GLY D 278 15.89 24.83 -8.40
CA GLY D 278 17.26 24.37 -8.26
C GLY D 278 18.32 25.30 -8.85
N LYS D 279 17.99 26.01 -9.93
CA LYS D 279 18.95 26.93 -10.52
C LYS D 279 19.29 28.09 -9.57
N GLN D 280 18.26 28.71 -8.99
CA GLN D 280 18.40 29.76 -8.01
C GLN D 280 19.24 29.34 -6.79
N ALA D 281 18.87 28.19 -6.21
CA ALA D 281 19.59 27.64 -5.06
C ALA D 281 21.03 27.32 -5.37
N LEU D 282 21.28 26.71 -6.53
CA LEU D 282 22.65 26.37 -6.91
C LEU D 282 23.54 27.61 -7.08
N GLU D 283 23.03 28.65 -7.75
CA GLU D 283 23.79 29.88 -7.93
C GLU D 283 23.97 30.63 -6.62
N THR D 284 22.94 30.60 -5.77
CA THR D 284 23.00 31.27 -4.48
C THR D 284 23.98 30.54 -3.55
N VAL D 285 24.04 29.21 -3.66
CA VAL D 285 25.01 28.45 -2.87
C VAL D 285 26.46 28.79 -3.24
N GLN D 286 26.77 28.79 -4.54
CA GLN D 286 28.10 29.14 -5.01
C GLN D 286 28.51 30.51 -4.47
N ARG D 287 27.56 31.44 -4.52
CA ARG D 287 27.78 32.81 -4.11
C ARG D 287 27.98 32.93 -2.59
N LEU D 288 27.00 32.47 -1.81
CA LEU D 288 26.96 32.72 -0.37
C LEU D 288 27.74 31.75 0.51
N LEU D 289 28.11 30.60 -0.06
CA LEU D 289 28.82 29.60 0.72
C LEU D 289 29.98 30.21 1.53
N PRO D 290 30.89 30.93 0.85
CA PRO D 290 31.95 31.66 1.56
C PRO D 290 31.43 32.45 2.77
N VAL D 291 30.69 33.52 2.56
CA VAL D 291 30.30 34.36 3.69
C VAL D 291 29.55 33.60 4.79
N LEU D 292 28.65 32.69 4.43
CA LEU D 292 27.88 31.94 5.43
C LEU D 292 28.77 31.08 6.31
N CYS D 293 29.91 30.63 5.76
CA CYS D 293 30.92 29.90 6.53
C CYS D 293 32.08 30.79 7.02
N GLN D 294 32.62 31.61 6.11
CA GLN D 294 33.71 32.51 6.48
C GLN D 294 33.36 33.43 7.66
N ALA D 295 32.14 33.95 7.67
CA ALA D 295 31.74 34.93 8.68
C ALA D 295 30.78 34.38 9.73
N HIS D 296 29.73 33.69 9.29
CA HIS D 296 28.65 33.33 10.21
C HIS D 296 28.87 32.03 10.96
N GLY D 297 29.94 31.32 10.63
CA GLY D 297 30.28 30.07 11.29
C GLY D 297 29.25 28.97 11.06
N LEU D 298 28.76 28.88 9.83
CA LEU D 298 27.91 27.76 9.43
C LEU D 298 28.78 26.69 8.76
N THR D 299 28.40 25.42 8.85
CA THR D 299 29.10 24.38 8.11
C THR D 299 28.55 24.30 6.70
N PRO D 300 29.38 23.82 5.74
CA PRO D 300 28.79 23.41 4.46
C PRO D 300 27.53 22.56 4.66
N GLN D 301 27.58 21.49 5.46
CA GLN D 301 26.40 20.68 5.66
C GLN D 301 25.18 21.58 5.90
N GLN D 302 25.27 22.48 6.88
CA GLN D 302 24.12 23.30 7.22
C GLN D 302 23.70 24.17 6.05
N VAL D 303 24.66 24.54 5.22
CA VAL D 303 24.37 25.43 4.10
C VAL D 303 23.64 24.62 3.02
N VAL D 304 24.18 23.45 2.71
CA VAL D 304 23.53 22.49 1.85
C VAL D 304 22.09 22.21 2.33
N ALA D 305 21.95 21.84 3.61
CA ALA D 305 20.63 21.57 4.19
C ALA D 305 19.64 22.72 3.99
N ILE D 306 20.08 23.96 4.20
CA ILE D 306 19.17 25.09 4.02
C ILE D 306 18.80 25.21 2.54
N ALA D 307 19.80 24.98 1.68
CA ALA D 307 19.66 25.15 0.24
C ALA D 307 18.83 24.05 -0.42
N SER D 308 18.72 22.91 0.26
CA SER D 308 18.14 21.70 -0.33
C SER D 308 16.62 21.58 -0.17
N HIS D 309 15.92 22.70 -0.25
CA HIS D 309 14.46 22.66 -0.27
C HIS D 309 13.97 23.60 -1.34
N ASP D 310 12.68 23.55 -1.66
CA ASP D 310 12.06 24.59 -2.47
C ASP D 310 12.36 25.98 -1.87
N GLY D 311 12.71 26.94 -2.70
CA GLY D 311 12.97 28.28 -2.20
C GLY D 311 14.31 28.38 -1.48
N GLY D 312 15.16 27.35 -1.64
CA GLY D 312 16.52 27.40 -1.14
C GLY D 312 17.12 28.82 -1.18
N LYS D 313 17.21 29.39 -2.38
CA LYS D 313 17.74 30.74 -2.57
C LYS D 313 17.19 31.74 -1.55
N GLN D 314 15.87 31.73 -1.36
CA GLN D 314 15.25 32.65 -0.42
C GLN D 314 15.71 32.41 1.02
N ALA D 315 15.80 31.15 1.40
CA ALA D 315 16.17 30.81 2.77
C ALA D 315 17.63 31.19 3.04
N LEU D 316 18.50 30.87 2.10
CA LEU D 316 19.91 31.22 2.19
C LEU D 316 20.13 32.74 2.33
N GLU D 317 19.35 33.54 1.62
CA GLU D 317 19.57 34.97 1.56
C GLU D 317 19.09 35.63 2.84
N THR D 318 18.01 35.09 3.37
CA THR D 318 17.43 35.58 4.61
C THR D 318 18.34 35.24 5.80
N VAL D 319 18.94 34.05 5.77
CA VAL D 319 19.85 33.67 6.83
C VAL D 319 21.03 34.66 6.83
N GLN D 320 21.75 34.74 5.71
CA GLN D 320 22.76 35.77 5.54
C GLN D 320 22.33 37.13 6.08
N ARG D 321 21.04 37.44 6.00
CA ARG D 321 20.56 38.77 6.38
C ARG D 321 20.19 38.85 7.85
N LEU D 322 19.52 37.81 8.35
CA LEU D 322 18.92 37.85 9.68
C LEU D 322 19.69 37.07 10.74
N LEU D 323 20.59 36.18 10.34
CA LEU D 323 21.26 35.34 11.34
C LEU D 323 21.94 36.20 12.42
N PRO D 324 22.77 37.16 12.00
CA PRO D 324 23.41 38.09 12.95
C PRO D 324 22.39 38.84 13.81
N VAL D 325 21.36 39.38 13.16
CA VAL D 325 20.29 40.11 13.85
C VAL D 325 19.53 39.25 14.87
N LEU D 326 19.32 37.97 14.55
CA LEU D 326 18.49 37.08 15.36
C LEU D 326 19.27 36.47 16.51
N CYS D 327 20.58 36.31 16.32
CA CYS D 327 21.45 35.73 17.33
C CYS D 327 21.84 36.76 18.41
N GLN D 328 21.47 38.01 18.21
CA GLN D 328 21.87 39.05 19.14
C GLN D 328 20.68 39.78 19.74
N ALA D 329 19.90 40.47 18.91
CA ALA D 329 18.78 41.27 19.39
C ALA D 329 17.63 40.41 19.92
N HIS D 330 17.76 39.08 19.81
CA HIS D 330 16.67 38.17 20.17
C HIS D 330 17.10 36.90 20.91
N GLY D 331 18.42 36.69 21.01
CA GLY D 331 18.95 35.60 21.82
C GLY D 331 19.03 34.21 21.19
N LEU D 332 18.86 34.12 19.88
CA LEU D 332 18.85 32.81 19.22
C LEU D 332 20.24 32.29 18.92
N THR D 333 20.33 30.98 18.72
CA THR D 333 21.57 30.36 18.28
C THR D 333 21.55 30.06 16.78
N PRO D 334 22.74 29.97 16.15
CA PRO D 334 22.88 29.59 14.74
C PRO D 334 22.08 28.33 14.41
N GLN D 335 22.19 27.33 15.28
CA GLN D 335 21.47 26.09 15.13
C GLN D 335 19.97 26.32 15.05
N GLN D 336 19.45 27.15 15.96
CA GLN D 336 18.02 27.47 15.93
C GLN D 336 17.66 28.17 14.62
N VAL D 337 18.60 28.95 14.13
CA VAL D 337 18.38 29.76 12.96
C VAL D 337 18.34 28.82 11.74
N VAL D 338 19.32 27.93 11.65
CA VAL D 338 19.33 26.91 10.61
C VAL D 338 18.05 26.07 10.61
N ALA D 339 17.66 25.59 11.79
CA ALA D 339 16.46 24.74 11.92
C ALA D 339 15.22 25.44 11.38
N ILE D 340 15.08 26.72 11.71
CA ILE D 340 13.93 27.47 11.23
C ILE D 340 13.99 27.56 9.71
N ALA D 341 15.23 27.57 9.19
CA ALA D 341 15.49 27.87 7.80
C ALA D 341 15.47 26.63 6.91
N SER D 342 15.71 25.47 7.54
CA SER D 342 15.79 24.18 6.85
C SER D 342 14.42 23.60 6.51
N ASN D 343 13.48 24.43 6.09
CA ASN D 343 12.18 23.96 5.62
C ASN D 343 11.77 24.79 4.42
N GLY D 344 10.70 24.35 3.73
CA GLY D 344 10.09 25.16 2.69
C GLY D 344 9.40 26.38 3.29
N GLY D 345 9.65 27.55 2.70
CA GLY D 345 9.21 28.81 3.28
C GLY D 345 10.10 29.24 4.44
N GLY D 346 11.33 28.75 4.49
CA GLY D 346 12.29 29.15 5.50
C GLY D 346 12.30 30.67 5.64
N LYS D 347 12.48 31.34 4.51
CA LYS D 347 12.43 32.80 4.50
C LYS D 347 11.19 33.34 5.23
N GLN D 348 10.02 32.84 4.89
CA GLN D 348 8.80 33.35 5.50
C GLN D 348 8.82 33.13 7.01
N ALA D 349 9.36 31.99 7.43
CA ALA D 349 9.41 31.64 8.83
C ALA D 349 10.43 32.51 9.58
N LEU D 350 11.62 32.67 8.99
CA LEU D 350 12.68 33.46 9.61
C LEU D 350 12.23 34.91 9.78
N GLU D 351 11.75 35.50 8.69
CA GLU D 351 11.23 36.85 8.69
C GLU D 351 10.13 37.00 9.70
N THR D 352 9.27 35.99 9.79
CA THR D 352 8.14 36.09 10.71
C THR D 352 8.63 35.96 12.16
N VAL D 353 9.72 35.22 12.36
CA VAL D 353 10.36 35.12 13.68
C VAL D 353 10.99 36.45 14.11
N GLN D 354 11.72 37.07 13.20
CA GLN D 354 12.31 38.39 13.46
C GLN D 354 11.25 39.43 13.82
N ARG D 355 10.07 39.33 13.19
CA ARG D 355 9.01 40.29 13.48
C ARG D 355 8.17 39.97 14.72
N LEU D 356 7.97 38.70 15.02
CA LEU D 356 6.99 38.31 16.04
C LEU D 356 7.60 37.80 17.36
N LEU D 357 8.89 37.46 17.32
CA LEU D 357 9.56 36.96 18.52
C LEU D 357 9.35 37.88 19.72
N PRO D 358 9.67 39.18 19.56
CA PRO D 358 9.43 40.17 20.62
C PRO D 358 7.97 40.15 21.11
N VAL D 359 7.03 40.53 20.25
CA VAL D 359 5.61 40.56 20.60
C VAL D 359 5.16 39.35 21.43
N LEU D 360 5.28 38.16 20.86
CA LEU D 360 4.82 36.92 21.47
C LEU D 360 5.39 36.69 22.86
N CYS D 361 6.71 36.76 22.96
CA CYS D 361 7.38 36.58 24.24
C CYS D 361 6.95 37.65 25.24
N GLN D 362 6.71 38.85 24.74
CA GLN D 362 6.27 39.99 25.57
C GLN D 362 4.77 39.96 25.81
N ALA D 363 4.01 40.11 24.72
CA ALA D 363 2.55 40.18 24.81
C ALA D 363 1.90 38.94 25.44
N HIS D 364 2.44 37.77 25.16
CA HIS D 364 1.74 36.51 25.47
C HIS D 364 2.53 35.53 26.33
N GLY D 365 3.70 35.95 26.79
CA GLY D 365 4.46 35.17 27.74
C GLY D 365 4.99 33.85 27.21
N LEU D 366 5.45 33.86 25.97
CA LEU D 366 6.05 32.66 25.38
C LEU D 366 7.56 32.78 25.43
N THR D 367 8.25 31.65 25.39
CA THR D 367 9.71 31.63 25.31
C THR D 367 10.18 31.68 23.86
N PRO D 368 11.40 32.19 23.65
CA PRO D 368 12.04 31.98 22.34
C PRO D 368 11.88 30.51 21.92
N GLU D 369 12.33 29.60 22.78
CA GLU D 369 12.27 28.17 22.51
C GLU D 369 10.94 27.73 21.93
N GLN D 370 9.85 28.24 22.49
CA GLN D 370 8.51 27.86 22.03
C GLN D 370 8.25 28.48 20.67
N VAL D 371 8.54 29.78 20.55
CA VAL D 371 8.47 30.46 19.28
C VAL D 371 9.30 29.72 18.22
N VAL D 372 10.50 29.26 18.60
CA VAL D 372 11.35 28.46 17.70
C VAL D 372 10.69 27.15 17.24
N ALA D 373 9.95 26.51 18.13
CA ALA D 373 9.34 25.22 17.85
C ALA D 373 8.19 25.37 16.85
N ILE D 374 7.45 26.46 16.97
CA ILE D 374 6.29 26.68 16.14
C ILE D 374 6.76 27.03 14.75
N ALA D 375 7.89 27.75 14.72
CA ALA D 375 8.48 28.28 13.52
C ALA D 375 9.23 27.21 12.72
N SER D 376 9.82 26.26 13.44
CA SER D 376 10.66 25.24 12.83
C SER D 376 9.92 24.13 12.11
N ASN D 377 8.66 24.34 11.76
CA ASN D 377 8.00 23.44 10.81
C ASN D 377 7.72 24.12 9.46
N SER D 378 7.42 23.35 8.42
CA SER D 378 6.92 23.94 7.19
C SER D 378 5.59 24.61 7.53
N GLY D 379 5.36 25.82 6.99
CA GLY D 379 4.19 26.60 7.35
C GLY D 379 4.41 27.46 8.58
N GLY D 380 5.65 27.51 9.05
CA GLY D 380 5.96 28.21 10.30
C GLY D 380 5.39 29.62 10.40
N LYS D 381 5.58 30.42 9.35
CA LYS D 381 4.99 31.76 9.28
C LYS D 381 3.48 31.72 9.50
N GLN D 382 2.83 30.70 8.95
CA GLN D 382 1.39 30.56 9.10
C GLN D 382 1.03 30.28 10.56
N ALA D 383 1.77 29.36 11.18
CA ALA D 383 1.46 28.99 12.56
C ALA D 383 1.67 30.17 13.51
N LEU D 384 2.88 30.75 13.48
CA LEU D 384 3.17 31.97 14.25
C LEU D 384 2.07 33.04 14.14
N GLU D 385 1.90 33.59 12.94
CA GLU D 385 0.83 34.57 12.74
C GLU D 385 -0.48 34.12 13.38
N THR D 386 -0.81 32.84 13.24
CA THR D 386 -2.07 32.35 13.77
C THR D 386 -2.05 32.27 15.30
N VAL D 387 -0.89 31.89 15.83
CA VAL D 387 -0.71 31.78 17.27
C VAL D 387 -0.87 33.13 17.95
N GLN D 388 -0.39 34.18 17.28
CA GLN D 388 -0.53 35.55 17.78
C GLN D 388 -1.99 35.98 17.75
N ARG D 389 -2.69 35.61 16.68
CA ARG D 389 -4.08 36.01 16.49
C ARG D 389 -5.07 35.21 17.33
N LEU D 390 -4.67 34.00 17.74
CA LEU D 390 -5.61 33.12 18.43
C LEU D 390 -5.20 32.75 19.86
N LEU D 391 -4.04 33.23 20.30
CA LEU D 391 -3.59 33.00 21.67
C LEU D 391 -4.61 33.52 22.69
N PRO D 392 -5.04 34.78 22.53
CA PRO D 392 -5.86 35.45 23.54
C PRO D 392 -7.32 34.99 23.50
N VAL D 393 -7.79 34.56 22.33
CA VAL D 393 -9.19 34.20 22.19
C VAL D 393 -9.47 32.72 22.54
N LEU D 394 -8.45 31.87 22.37
CA LEU D 394 -8.54 30.49 22.82
C LEU D 394 -8.32 30.39 24.33
N CYS D 395 -7.30 31.11 24.80
CA CYS D 395 -6.99 31.13 26.21
C CYS D 395 -8.01 31.93 27.03
N GLN D 396 -9.11 32.29 26.38
CA GLN D 396 -10.22 32.99 27.04
C GLN D 396 -11.55 32.25 26.85
N ALA D 397 -11.81 31.82 25.62
CA ALA D 397 -13.10 31.21 25.28
C ALA D 397 -13.17 29.72 25.59
N HIS D 398 -12.03 29.09 25.84
CA HIS D 398 -12.01 27.65 26.08
C HIS D 398 -11.01 27.26 27.18
N GLY D 399 -10.49 28.25 27.89
CA GLY D 399 -9.64 28.01 29.03
C GLY D 399 -8.28 27.38 28.71
N LEU D 400 -7.97 27.22 27.43
CA LEU D 400 -6.70 26.59 27.04
C LEU D 400 -5.51 27.39 27.56
N THR D 401 -4.43 26.69 27.88
CA THR D 401 -3.20 27.37 28.27
C THR D 401 -2.36 27.74 27.05
N PRO D 402 -1.37 28.63 27.25
CA PRO D 402 -0.32 28.83 26.26
C PRO D 402 0.33 27.50 25.85
N GLU D 403 0.64 26.67 26.84
CA GLU D 403 1.33 25.40 26.61
C GLU D 403 0.61 24.51 25.61
N GLN D 404 -0.71 24.39 25.74
CA GLN D 404 -1.49 23.54 24.87
C GLN D 404 -1.57 24.13 23.47
N VAL D 405 -1.79 25.44 23.43
CA VAL D 405 -1.86 26.17 22.18
C VAL D 405 -0.52 26.07 21.45
N VAL D 406 0.60 26.03 22.20
CA VAL D 406 1.92 25.85 21.59
C VAL D 406 2.09 24.44 21.01
N ALA D 407 1.59 23.44 21.72
CA ALA D 407 1.67 22.05 21.26
C ALA D 407 0.79 21.78 20.03
N ILE D 408 -0.29 22.54 19.90
CA ILE D 408 -1.19 22.37 18.76
C ILE D 408 -0.59 22.99 17.50
N ALA D 409 0.18 24.05 17.69
CA ALA D 409 0.76 24.80 16.59
C ALA D 409 2.13 24.27 16.17
N SER D 410 2.68 23.33 16.94
CA SER D 410 4.06 22.90 16.71
C SER D 410 4.16 21.64 15.85
N ASN D 411 3.38 21.61 14.79
CA ASN D 411 3.49 20.58 13.77
C ASN D 411 3.20 21.24 12.42
N ASN D 412 3.61 20.62 11.31
CA ASN D 412 3.07 21.03 10.02
C ASN D 412 1.58 21.17 10.21
N GLY D 413 1.01 22.26 9.72
CA GLY D 413 -0.43 22.49 9.80
C GLY D 413 -0.91 23.16 11.08
N GLY D 414 0.02 23.73 11.85
CA GLY D 414 -0.36 24.49 13.02
C GLY D 414 -1.58 25.38 12.77
N LYS D 415 -1.47 26.23 11.76
CA LYS D 415 -2.54 27.16 11.43
C LYS D 415 -3.89 26.48 11.39
N GLN D 416 -3.96 25.36 10.67
CA GLN D 416 -5.20 24.59 10.48
C GLN D 416 -5.67 23.91 11.77
N ALA D 417 -4.76 23.27 12.47
CA ALA D 417 -5.11 22.63 13.73
C ALA D 417 -5.77 23.64 14.67
N LEU D 418 -5.19 24.84 14.78
CA LEU D 418 -5.74 25.89 15.65
C LEU D 418 -7.14 26.34 15.26
N GLU D 419 -7.30 26.67 13.97
CA GLU D 419 -8.56 27.17 13.46
C GLU D 419 -9.64 26.09 13.44
N THR D 420 -9.21 24.83 13.37
CA THR D 420 -10.16 23.72 13.40
C THR D 420 -10.59 23.41 14.84
N VAL D 421 -9.69 23.70 15.78
CA VAL D 421 -9.99 23.57 17.21
C VAL D 421 -11.01 24.62 17.65
N GLN D 422 -10.65 25.89 17.50
CA GLN D 422 -11.60 26.99 17.72
C GLN D 422 -12.96 26.69 17.13
N ARG D 423 -12.96 26.09 15.94
CA ARG D 423 -14.19 25.72 15.26
C ARG D 423 -14.92 24.61 15.98
N LEU D 424 -14.22 23.53 16.29
CA LEU D 424 -14.89 22.29 16.68
C LEU D 424 -14.95 22.04 18.18
N LEU D 425 -14.10 22.72 18.94
CA LEU D 425 -14.07 22.52 20.40
C LEU D 425 -15.45 22.58 21.05
N PRO D 426 -16.32 23.50 20.59
CA PRO D 426 -17.70 23.58 21.09
C PRO D 426 -18.52 22.31 20.86
N VAL D 427 -18.71 21.93 19.60
CA VAL D 427 -19.56 20.78 19.29
C VAL D 427 -19.03 19.49 19.93
N LEU D 428 -17.70 19.35 19.96
CA LEU D 428 -17.07 18.15 20.50
C LEU D 428 -17.29 17.99 22.00
N CYS D 429 -17.06 19.05 22.77
CA CYS D 429 -17.17 18.95 24.22
C CYS D 429 -18.61 19.17 24.73
N GLN D 430 -19.55 19.25 23.81
CA GLN D 430 -20.94 19.48 24.17
C GLN D 430 -21.85 18.45 23.52
N ALA D 431 -21.98 18.52 22.20
CA ALA D 431 -22.77 17.55 21.46
C ALA D 431 -22.23 16.12 21.64
N HIS D 432 -21.01 15.96 22.15
CA HIS D 432 -20.42 14.63 22.23
C HIS D 432 -19.65 14.29 23.50
N GLY D 433 -19.48 15.27 24.39
CA GLY D 433 -18.90 14.99 25.68
C GLY D 433 -17.44 14.56 25.62
N LEU D 434 -16.76 14.88 24.52
CA LEU D 434 -15.31 14.82 24.55
C LEU D 434 -14.81 15.85 25.56
N THR D 435 -13.56 15.70 25.99
CA THR D 435 -13.01 16.68 26.93
C THR D 435 -12.05 17.59 26.19
N PRO D 436 -12.02 18.87 26.58
CA PRO D 436 -11.06 19.77 25.93
C PRO D 436 -9.69 19.11 25.75
N GLN D 437 -9.21 18.41 26.77
CA GLN D 437 -7.90 17.79 26.74
C GLN D 437 -7.77 16.77 25.62
N GLN D 438 -8.85 16.03 25.36
CA GLN D 438 -8.86 15.04 24.30
C GLN D 438 -8.69 15.75 22.95
N VAL D 439 -9.38 16.89 22.81
CA VAL D 439 -9.38 17.62 21.54
C VAL D 439 -7.99 18.20 21.30
N VAL D 440 -7.39 18.74 22.35
CA VAL D 440 -6.03 19.23 22.28
C VAL D 440 -5.06 18.13 21.88
N ALA D 441 -5.36 16.89 22.25
CA ALA D 441 -4.43 15.77 22.03
C ALA D 441 -4.52 15.24 20.60
N ILE D 442 -5.74 15.18 20.09
CA ILE D 442 -5.97 14.84 18.69
C ILE D 442 -5.31 15.87 17.75
N ALA D 443 -5.32 17.13 18.18
CA ALA D 443 -4.83 18.21 17.33
C ALA D 443 -3.33 18.46 17.49
N SER D 444 -2.70 17.84 18.47
CA SER D 444 -1.28 18.08 18.75
C SER D 444 -0.32 17.24 17.91
N ASN D 445 -0.84 16.69 16.82
CA ASN D 445 -0.02 16.00 15.82
C ASN D 445 -0.24 16.61 14.44
N SER D 446 0.72 16.48 13.54
CA SER D 446 0.48 16.91 12.16
C SER D 446 -0.71 16.09 11.64
N GLY D 447 -1.53 16.69 10.78
CA GLY D 447 -2.78 16.04 10.41
C GLY D 447 -3.84 16.33 11.46
N GLY D 448 -3.52 17.25 12.37
CA GLY D 448 -4.44 17.67 13.40
C GLY D 448 -5.78 18.07 12.85
N ARG D 449 -5.78 18.83 11.76
CA ARG D 449 -7.03 19.29 11.16
C ARG D 449 -7.92 18.13 10.71
N PRO D 450 -7.42 17.34 9.78
CA PRO D 450 -8.17 16.21 9.22
C PRO D 450 -8.50 15.14 10.27
N ALA D 451 -7.66 15.00 11.30
CA ALA D 451 -7.97 14.11 12.41
C ALA D 451 -9.23 14.61 13.11
N LEU D 452 -9.21 15.88 13.48
CA LEU D 452 -10.38 16.53 14.09
C LEU D 452 -11.63 16.46 13.23
N GLU D 453 -11.49 16.68 11.93
CA GLU D 453 -12.63 16.59 11.01
C GLU D 453 -13.18 15.17 10.98
N SER D 454 -12.29 14.20 10.85
CA SER D 454 -12.66 12.79 10.84
C SER D 454 -13.47 12.41 12.08
N ILE D 455 -12.94 12.72 13.26
CA ILE D 455 -13.60 12.35 14.50
C ILE D 455 -15.02 12.95 14.59
N VAL D 456 -15.19 14.13 14.04
CA VAL D 456 -16.44 14.86 14.21
C VAL D 456 -17.47 14.48 13.13
N ALA D 457 -17.04 13.69 12.16
CA ALA D 457 -17.96 13.17 11.14
C ALA D 457 -18.33 11.70 11.39
N GLN D 458 -17.76 11.11 12.43
CA GLN D 458 -18.18 9.78 12.87
C GLN D 458 -19.07 9.90 14.12
N LEU D 459 -18.71 10.82 15.01
CA LEU D 459 -19.56 11.20 16.13
C LEU D 459 -20.91 11.76 15.66
N SER D 460 -20.94 12.24 14.42
CA SER D 460 -22.11 12.98 13.93
C SER D 460 -23.01 12.15 13.02
N ARG D 461 -22.37 11.44 12.08
CA ARG D 461 -23.06 10.52 11.19
C ARG D 461 -22.49 9.13 11.39
N PRO D 462 -22.30 8.75 12.64
CA PRO D 462 -21.73 7.45 13.00
C PRO D 462 -21.77 6.44 11.86
N ASP D 463 -20.67 5.73 11.65
CA ASP D 463 -20.58 4.71 10.61
C ASP D 463 -20.36 3.33 11.20
N PRO D 464 -21.40 2.49 11.15
CA PRO D 464 -21.31 1.14 11.70
C PRO D 464 -19.88 0.66 11.86
N ALA D 465 -19.19 0.46 10.74
CA ALA D 465 -17.81 -0.03 10.76
C ALA D 465 -17.05 0.48 11.99
N LEU D 466 -17.48 1.62 12.52
CA LEU D 466 -16.84 2.21 13.69
C LEU D 466 -17.80 2.22 14.88
N ALA D 467 -19.09 2.32 14.59
CA ALA D 467 -20.11 2.36 15.63
C ALA D 467 -19.82 1.37 16.76
N ALA D 468 -19.06 0.33 16.45
CA ALA D 468 -18.73 -0.70 17.43
C ALA D 468 -17.86 -0.14 18.55
N LEU D 469 -16.77 0.54 18.17
CA LEU D 469 -15.86 1.15 19.13
C LEU D 469 -16.51 2.25 19.95
N THR D 470 -15.89 2.58 21.08
CA THR D 470 -16.35 3.62 21.98
C THR D 470 -15.71 4.95 21.65
N ASN D 471 -16.36 6.04 22.04
CA ASN D 471 -15.86 7.36 21.75
C ASN D 471 -14.42 7.49 22.21
N ASP D 472 -14.18 7.13 23.47
CA ASP D 472 -12.83 7.17 24.03
C ASP D 472 -11.87 6.41 23.13
N HIS D 473 -12.27 5.21 22.73
CA HIS D 473 -11.44 4.37 21.87
C HIS D 473 -11.08 5.14 20.61
N LEU D 474 -12.10 5.53 19.85
CA LEU D 474 -11.90 6.38 18.66
C LEU D 474 -10.96 7.58 18.91
N VAL D 475 -11.09 8.25 20.05
CA VAL D 475 -10.21 9.38 20.35
C VAL D 475 -8.75 8.93 20.44
N ALA D 476 -8.54 7.73 20.95
CA ALA D 476 -7.19 7.21 21.12
C ALA D 476 -6.58 6.99 19.73
N LEU D 477 -7.46 6.63 18.78
CA LEU D 477 -7.05 6.40 17.40
C LEU D 477 -6.75 7.70 16.69
N ALA D 478 -7.58 8.71 16.88
CA ALA D 478 -7.27 10.03 16.33
C ALA D 478 -5.92 10.51 16.87
N CYS D 479 -5.71 10.37 18.19
CA CYS D 479 -4.44 10.77 18.84
C CYS D 479 -3.24 10.01 18.31
N LEU D 480 -3.50 8.78 17.88
CA LEU D 480 -2.44 7.85 17.57
C LEU D 480 -2.01 7.91 16.10
N GLY D 481 -2.98 8.03 15.20
CA GLY D 481 -2.69 8.02 13.77
C GLY D 481 -3.58 8.92 12.94
N GLY D 482 -4.35 9.79 13.57
CA GLY D 482 -5.17 10.77 12.88
C GLY D 482 -6.19 10.14 11.95
N ARG D 483 -6.53 10.85 10.87
CA ARG D 483 -7.43 10.32 9.85
C ARG D 483 -6.99 8.96 9.28
N PRO D 484 -5.68 8.80 9.00
CA PRO D 484 -5.21 7.52 8.47
C PRO D 484 -5.60 6.35 9.35
N ALA D 485 -5.63 6.57 10.67
CA ALA D 485 -5.99 5.55 11.63
C ALA D 485 -7.48 5.23 11.56
N LEU D 486 -8.30 6.26 11.59
CA LEU D 486 -9.74 6.05 11.54
C LEU D 486 -10.09 5.29 10.26
N ASP D 487 -9.52 5.73 9.13
CA ASP D 487 -9.76 5.08 7.85
C ASP D 487 -9.29 3.61 7.83
N ALA D 488 -8.10 3.35 8.34
CA ALA D 488 -7.57 1.98 8.32
C ALA D 488 -8.50 1.05 9.09
N VAL D 489 -9.07 1.56 10.19
CA VAL D 489 -9.98 0.78 11.02
C VAL D 489 -11.26 0.40 10.27
N LYS D 490 -11.69 1.27 9.37
CA LYS D 490 -12.88 1.02 8.58
C LYS D 490 -12.62 -0.04 7.51
N LYS D 491 -11.36 -0.16 7.11
CA LYS D 491 -10.97 -1.10 6.08
C LYS D 491 -10.95 -2.53 6.62
N LEU D 492 -10.56 -2.68 7.87
CA LEU D 492 -10.54 -3.98 8.53
C LEU D 492 -11.88 -4.28 9.18
N GLU D 493 -12.96 -3.91 8.50
CA GLU D 493 -14.31 -4.12 9.01
C GLU D 493 -14.48 -3.51 10.39
#